data_4LBX
#
_entry.id   4LBX
#
_cell.length_a   80.878
_cell.length_b   90.809
_cell.length_c   92.155
_cell.angle_alpha   90.000
_cell.angle_beta   90.000
_cell.angle_gamma   90.000
#
_symmetry.space_group_name_H-M   'P 21 21 21'
#
loop_
_entity.id
_entity.type
_entity.pdbx_description
1 polymer 'Probable sugar kinase protein'
2 non-polymer ADENOSINE
3 non-polymer 4-AMINO-1-BETA-D-RIBOFURANOSYL-2(1H)-PYRIMIDINONE
4 non-polymer 'DIMETHYL SULFOXIDE'
5 non-polymer 'POTASSIUM ION'
6 water water
#
_entity_poly.entity_id   1
_entity_poly.type   'polypeptide(L)'
_entity_poly.pdbx_seq_one_letter_code
;(MSE)HHHHHHSSGVDLGTENLYFQS(MSE)TRFDVLTVGNAIVDIISRCNDQFLIDNQITKAA(MSE)NLIDAERAELL
YSR(MSE)GPALEASGGSAGNTAAGVANLGGKAAYFGNVAADQLGDIFTHDIRAQGVHYQTKPKGAFPPTARS(MSE)IF
VTEDGERS(MSE)NTYLGACVELGPEDVEADVVADAKVTYFEGYLWDPPRAKEAILDCARIAHQHGRE(MSE)S(MSE)T
LSDSFCVDRYRGEFLDL(MSE)RSGKVDIVFANRQEALSLYQTDDFEEALNRIAADCKIAAVT(MSE)SENGAVILKGRE
RYYVNAIRIREVVDTTGAGDLFASGFLYGYTQGRSLEDCGKLGCLAAGIVIQQIGPRP(MSE)TSLSEAAKQAGLI
;
_entity_poly.pdbx_strand_id   A,B
#
loop_
_chem_comp.id
_chem_comp.type
_chem_comp.name
_chem_comp.formula
ADN non-polymer ADENOSINE 'C10 H13 N5 O4'
CTN non-polymer 4-AMINO-1-BETA-D-RIBOFURANOSYL-2(1H)-PYRIMIDINONE 'C9 H13 N3 O5'
DMS non-polymer 'DIMETHYL SULFOXIDE' 'C2 H6 O S'
K non-polymer 'POTASSIUM ION' 'K 1'
#
# COMPACT_ATOMS: atom_id res chain seq x y z
N SER A 22 13.87 33.38 19.39
CA SER A 22 12.79 32.46 18.94
C SER A 22 13.29 31.17 18.26
N MSE A 23 14.22 31.29 17.33
CA MSE A 23 14.46 30.23 16.31
C MSE A 23 14.92 28.89 16.80
O MSE A 23 16.11 28.70 17.17
CB MSE A 23 15.36 30.69 15.17
CG MSE A 23 14.65 31.75 14.35
SE MSE A 23 15.31 31.61 12.50
CE MSE A 23 17.24 31.80 12.89
N THR A 24 14.01 27.93 16.79
CA THR A 24 14.32 26.57 17.21
C THR A 24 14.20 25.63 16.01
N ARG A 25 15.20 24.77 15.84
CA ARG A 25 15.32 23.95 14.64
C ARG A 25 14.12 23.06 14.36
N PHE A 26 13.52 22.50 15.41
CA PHE A 26 12.38 21.58 15.28
C PHE A 26 11.24 21.95 16.22
N ASP A 27 10.02 21.75 15.74
CA ASP A 27 8.86 21.87 16.59
C ASP A 27 8.67 20.62 17.40
N VAL A 28 8.76 19.47 16.74
CA VAL A 28 8.46 18.21 17.38
C VAL A 28 9.42 17.14 16.92
N LEU A 29 10.11 16.55 17.88
CA LEU A 29 10.88 15.34 17.69
C LEU A 29 10.01 14.19 18.23
N THR A 30 9.83 13.13 17.45
CA THR A 30 9.17 11.94 17.98
C THR A 30 10.13 10.76 18.01
N VAL A 31 9.86 9.81 18.90
CA VAL A 31 10.73 8.65 19.07
C VAL A 31 9.82 7.43 19.19
N GLY A 32 10.08 6.42 18.36
CA GLY A 32 9.24 5.23 18.43
C GLY A 32 9.82 4.02 17.73
N ASN A 33 9.02 2.96 17.68
CA ASN A 33 9.35 1.73 16.95
C ASN A 33 9.12 1.97 15.47
N ALA A 34 10.20 1.90 14.69
CA ALA A 34 10.12 2.10 13.24
C ALA A 34 9.56 0.83 12.62
N ILE A 35 8.36 0.94 12.05
CA ILE A 35 7.60 -0.22 11.56
C ILE A 35 7.01 0.04 10.17
N VAL A 36 7.02 -1.00 9.34
CA VAL A 36 6.24 -1.00 8.09
C VAL A 36 4.97 -1.81 8.30
N ASP A 37 3.82 -1.23 7.95
CA ASP A 37 2.54 -1.93 8.10
C ASP A 37 2.22 -2.80 6.88
N ILE A 38 1.65 -3.97 7.14
CA ILE A 38 1.18 -4.91 6.14
C ILE A 38 -0.32 -5.02 6.46
N ILE A 39 -1.14 -4.49 5.57
CA ILE A 39 -2.57 -4.25 5.86
C ILE A 39 -3.52 -5.11 5.03
N SER A 40 -4.46 -5.78 5.71
CA SER A 40 -5.50 -6.57 5.05
C SER A 40 -6.83 -6.39 5.77
N ARG A 41 -7.92 -6.38 5.03
CA ARG A 41 -9.27 -6.47 5.63
C ARG A 41 -9.59 -7.94 5.93
N CYS A 42 -10.22 -8.19 7.08
CA CYS A 42 -10.63 -9.55 7.45
C CYS A 42 -12.04 -9.57 8.02
N ASN A 43 -12.64 -10.75 8.08
CA ASN A 43 -13.90 -10.92 8.80
C ASN A 43 -13.66 -11.04 10.30
N ASP A 44 -14.74 -10.95 11.07
CA ASP A 44 -14.65 -11.00 12.51
C ASP A 44 -14.09 -12.35 12.98
N GLN A 45 -14.50 -13.42 12.30
CA GLN A 45 -14.10 -14.78 12.67
C GLN A 45 -12.59 -14.99 12.60
N PHE A 46 -11.92 -14.28 11.69
CA PHE A 46 -10.49 -14.43 11.51
C PHE A 46 -9.74 -14.10 12.81
N LEU A 47 -10.20 -13.07 13.52
CA LEU A 47 -9.54 -12.65 14.77
C LEU A 47 -9.73 -13.72 15.85
N ILE A 48 -10.94 -14.25 15.94
CA ILE A 48 -11.28 -15.31 16.89
C ILE A 48 -10.47 -16.58 16.59
N ASP A 49 -10.48 -17.03 15.33
CA ASP A 49 -9.75 -18.24 14.95
C ASP A 49 -8.25 -18.13 15.26
N ASN A 50 -7.68 -16.93 15.12
CA ASN A 50 -6.25 -16.76 15.31
C ASN A 50 -5.86 -16.19 16.66
N GLN A 51 -6.84 -16.08 17.55
CA GLN A 51 -6.62 -15.60 18.92
C GLN A 51 -5.90 -14.22 18.92
N ILE A 52 -6.28 -13.37 17.98
CA ILE A 52 -5.82 -11.98 17.89
C ILE A 52 -6.70 -11.07 18.75
N THR A 53 -6.10 -10.34 19.69
CA THR A 53 -6.89 -9.43 20.53
C THR A 53 -7.36 -8.25 19.68
N LYS A 54 -8.68 -8.08 19.59
CA LYS A 54 -9.25 -7.08 18.68
C LYS A 54 -8.91 -5.67 19.20
N ALA A 55 -8.55 -4.79 18.27
CA ALA A 55 -8.28 -3.38 18.53
C ALA A 55 -6.98 -3.10 19.28
N ALA A 56 -6.18 -4.14 19.50
CA ALA A 56 -4.96 -4.02 20.27
C ALA A 56 -3.69 -4.23 19.45
N MSE A 57 -2.56 -3.89 20.07
CA MSE A 57 -1.25 -4.21 19.53
C MSE A 57 -0.84 -5.52 20.17
O MSE A 57 -0.67 -5.60 21.40
CB MSE A 57 -0.32 -3.07 19.96
CG MSE A 57 0.92 -2.94 19.08
SE MSE A 57 2.19 -4.34 19.62
CE MSE A 57 2.58 -3.69 21.44
N ASN A 58 -0.71 -6.56 19.34
CA ASN A 58 -0.31 -7.89 19.77
C ASN A 58 1.14 -8.16 19.35
N LEU A 59 2.04 -8.27 20.32
CA LEU A 59 3.44 -8.57 19.99
C LEU A 59 3.56 -10.01 19.57
N ILE A 60 4.39 -10.26 18.55
CA ILE A 60 4.57 -11.61 18.03
C ILE A 60 6.04 -11.91 17.74
N ASP A 61 6.42 -13.18 17.84
CA ASP A 61 7.76 -13.58 17.47
C ASP A 61 7.84 -13.90 15.97
N ALA A 62 9.03 -14.21 15.49
CA ALA A 62 9.24 -14.43 14.07
C ALA A 62 8.42 -15.61 13.55
N GLU A 63 8.34 -16.68 14.34
CA GLU A 63 7.58 -17.87 13.93
C GLU A 63 6.10 -17.52 13.73
N ARG A 64 5.53 -16.82 14.72
CA ARG A 64 4.14 -16.40 14.63
C ARG A 64 3.91 -15.41 13.49
N ALA A 65 4.87 -14.53 13.24
CA ALA A 65 4.77 -13.59 12.12
C ALA A 65 4.62 -14.36 10.80
N GLU A 66 5.42 -15.41 10.65
CA GLU A 66 5.36 -16.27 9.45
C GLU A 66 4.01 -16.97 9.38
N LEU A 67 3.55 -17.51 10.52
CA LEU A 67 2.25 -18.17 10.58
C LEU A 67 1.13 -17.21 10.17
N LEU A 68 1.02 -16.07 10.85
CA LEU A 68 -0.08 -15.12 10.51
C LEU A 68 0.00 -14.66 9.06
N TYR A 69 1.18 -14.40 8.58
CA TYR A 69 1.32 -13.96 7.19
C TYR A 69 0.80 -15.02 6.23
N SER A 70 1.07 -16.28 6.55
CA SER A 70 0.66 -17.39 5.68
C SER A 70 -0.85 -17.47 5.59
N ARG A 71 -1.54 -16.94 6.60
CA ARG A 71 -3.01 -16.96 6.66
C ARG A 71 -3.66 -15.68 6.20
N MSE A 72 -2.84 -14.65 6.01
CA MSE A 72 -3.33 -13.32 5.59
C MSE A 72 -3.62 -13.26 4.13
O MSE A 72 -2.94 -13.88 3.31
CB MSE A 72 -2.25 -12.31 5.95
CG MSE A 72 -2.75 -10.89 5.76
SE MSE A 72 -1.22 -9.79 6.29
CE MSE A 72 -2.20 -8.27 7.07
N GLY A 73 -4.65 -12.49 3.77
CA GLY A 73 -4.99 -12.24 2.38
C GLY A 73 -3.98 -11.36 1.68
N PRO A 74 -4.20 -11.08 0.39
CA PRO A 74 -3.37 -10.11 -0.35
C PRO A 74 -3.37 -8.81 0.44
N ALA A 75 -2.21 -8.16 0.57
CA ALA A 75 -2.06 -7.02 1.46
C ALA A 75 -1.54 -5.78 0.74
N LEU A 76 -1.55 -4.66 1.48
CA LEU A 76 -0.91 -3.43 1.04
C LEU A 76 0.13 -3.09 2.08
N GLU A 77 1.24 -2.49 1.65
CA GLU A 77 2.27 -2.06 2.59
C GLU A 77 2.35 -0.56 2.65
N ALA A 78 2.60 -0.06 3.86
CA ALA A 78 2.68 1.38 4.09
C ALA A 78 3.50 1.61 5.32
N SER A 79 4.38 2.61 5.27
CA SER A 79 5.16 2.99 6.44
C SER A 79 4.25 3.31 7.62
N GLY A 80 4.61 2.77 8.79
CA GLY A 80 3.85 2.94 10.03
C GLY A 80 4.74 3.37 11.20
N GLY A 81 4.52 2.76 12.35
CA GLY A 81 5.11 3.20 13.61
C GLY A 81 4.31 4.38 14.17
N SER A 82 3.79 4.24 15.39
CA SER A 82 2.91 5.26 15.97
CA SER A 82 2.92 5.27 15.98
C SER A 82 3.57 6.66 15.93
N ALA A 83 4.76 6.79 16.55
CA ALA A 83 5.54 8.04 16.52
C ALA A 83 5.95 8.47 15.12
N GLY A 84 6.23 7.51 14.23
CA GLY A 84 6.60 7.81 12.84
C GLY A 84 5.44 8.55 12.17
N ASN A 85 4.25 7.99 12.35
CA ASN A 85 3.02 8.60 11.83
C ASN A 85 2.80 9.99 12.40
N THR A 86 3.01 10.14 13.70
CA THR A 86 2.85 11.44 14.33
C THR A 86 3.81 12.48 13.75
N ALA A 87 5.09 12.11 13.59
CA ALA A 87 6.08 13.01 12.97
C ALA A 87 5.65 13.41 11.57
N ALA A 88 5.24 12.43 10.77
CA ALA A 88 4.80 12.67 9.39
C ALA A 88 3.62 13.64 9.39
N GLY A 89 2.72 13.47 10.36
CA GLY A 89 1.54 14.33 10.46
C GLY A 89 1.85 15.79 10.79
N VAL A 90 2.81 15.97 11.68
CA VAL A 90 3.30 17.32 12.01
C VAL A 90 3.90 18.00 10.78
N ALA A 91 4.74 17.27 10.04
CA ALA A 91 5.32 17.79 8.80
C ALA A 91 4.24 18.16 7.74
N ASN A 92 3.25 17.30 7.59
CA ASN A 92 2.16 17.52 6.62
C ASN A 92 1.43 18.81 6.96
N LEU A 93 1.14 19.00 8.25
CA LEU A 93 0.51 20.23 8.76
C LEU A 93 1.37 21.50 8.53
N GLY A 94 2.68 21.31 8.35
CA GLY A 94 3.62 22.42 8.11
C GLY A 94 4.65 22.67 9.19
N GLY A 95 4.62 21.83 10.24
CA GLY A 95 5.56 21.95 11.35
C GLY A 95 6.88 21.33 10.96
N LYS A 96 7.89 21.62 11.76
CA LYS A 96 9.22 21.10 11.53
C LYS A 96 9.39 19.90 12.46
N ALA A 97 9.51 18.71 11.87
CA ALA A 97 9.58 17.46 12.63
C ALA A 97 10.86 16.67 12.42
N ALA A 98 11.22 15.90 13.45
CA ALA A 98 12.33 14.94 13.39
C ALA A 98 11.87 13.64 14.02
N TYR A 99 12.63 12.57 13.77
CA TYR A 99 12.24 11.24 14.24
C TYR A 99 13.44 10.39 14.56
N PHE A 100 13.39 9.69 15.69
CA PHE A 100 14.39 8.66 16.03
C PHE A 100 13.69 7.30 16.00
N GLY A 101 14.27 6.33 15.30
CA GLY A 101 13.70 4.99 15.25
C GLY A 101 14.61 4.12 14.41
N ASN A 102 14.73 2.85 14.77
CA ASN A 102 15.74 2.01 14.14
C ASN A 102 15.16 0.97 13.19
N VAL A 103 15.59 1.03 11.93
CA VAL A 103 15.25 0.02 10.93
C VAL A 103 16.49 -0.84 10.66
N ALA A 104 16.32 -1.86 9.84
CA ALA A 104 17.46 -2.63 9.34
C ALA A 104 17.86 -2.11 7.96
N ALA A 105 19.04 -2.52 7.50
CA ALA A 105 19.50 -2.22 6.15
C ALA A 105 18.92 -3.27 5.19
N ASP A 106 17.61 -3.15 4.94
CA ASP A 106 16.92 -4.06 4.02
C ASP A 106 15.87 -3.26 3.25
N GLN A 107 15.14 -3.93 2.38
CA GLN A 107 14.15 -3.24 1.54
C GLN A 107 13.03 -2.58 2.35
N LEU A 108 12.55 -3.26 3.38
CA LEU A 108 11.53 -2.65 4.25
C LEU A 108 12.06 -1.41 4.96
N GLY A 109 13.32 -1.49 5.41
CA GLY A 109 13.98 -0.34 6.02
C GLY A 109 14.10 0.82 5.04
N ASP A 110 14.38 0.49 3.78
CA ASP A 110 14.57 1.50 2.75
C ASP A 110 13.24 2.20 2.48
N ILE A 111 12.17 1.42 2.50
CA ILE A 111 10.80 1.99 2.35
C ILE A 111 10.51 2.95 3.50
N PHE A 112 10.78 2.50 4.72
CA PHE A 112 10.49 3.32 5.90
C PHE A 112 11.27 4.64 5.80
N THR A 113 12.55 4.53 5.53
CA THR A 113 13.43 5.67 5.41
C THR A 113 12.93 6.64 4.34
N HIS A 114 12.61 6.10 3.17
CA HIS A 114 12.14 6.95 2.09
C HIS A 114 10.89 7.75 2.52
N ASP A 115 9.90 7.06 3.06
CA ASP A 115 8.58 7.66 3.26
C ASP A 115 8.61 8.78 4.28
N ILE A 116 9.30 8.57 5.39
CA ILE A 116 9.38 9.60 6.44
C ILE A 116 10.21 10.82 5.98
N ARG A 117 11.36 10.56 5.32
CA ARG A 117 12.19 11.64 4.77
C ARG A 117 11.45 12.41 3.65
N ALA A 118 10.67 11.69 2.84
CA ALA A 118 9.96 12.30 1.71
C ALA A 118 8.89 13.26 2.19
N GLN A 119 8.38 13.02 3.40
CA GLN A 119 7.40 13.90 4.03
C GLN A 119 8.09 15.13 4.62
N GLY A 120 9.42 15.15 4.61
CA GLY A 120 10.17 16.31 5.13
C GLY A 120 10.45 16.25 6.63
N VAL A 121 10.44 15.04 7.18
CA VAL A 121 10.88 14.78 8.56
C VAL A 121 12.37 14.48 8.56
N HIS A 122 13.12 15.12 9.47
CA HIS A 122 14.54 14.80 9.70
C HIS A 122 14.58 13.41 10.26
N TYR A 123 15.29 12.51 9.55
CA TYR A 123 15.43 11.13 10.00
C TYR A 123 16.80 10.60 9.61
N GLN A 124 17.61 10.36 10.64
CA GLN A 124 19.03 10.12 10.46
C GLN A 124 19.54 8.91 11.26
N THR A 125 18.62 8.14 11.84
CA THR A 125 18.99 6.98 12.64
C THR A 125 19.56 5.92 11.70
N LYS A 126 20.77 5.50 12.01
CA LYS A 126 21.52 4.61 11.15
C LYS A 126 21.16 3.15 11.42
N PRO A 127 20.86 2.37 10.37
CA PRO A 127 20.70 0.92 10.58
C PRO A 127 21.99 0.27 11.04
N LYS A 128 21.87 -0.79 11.83
CA LYS A 128 23.04 -1.44 12.45
C LYS A 128 23.52 -2.66 11.67
N GLY A 129 22.65 -3.15 10.79
CA GLY A 129 22.94 -4.28 9.91
C GLY A 129 21.64 -4.74 9.28
N ALA A 130 21.67 -5.89 8.61
CA ALA A 130 20.47 -6.44 7.98
C ALA A 130 19.63 -7.31 8.92
N PHE A 131 20.20 -7.72 10.07
CA PHE A 131 19.53 -8.64 10.98
C PHE A 131 19.69 -8.23 12.46
N PRO A 132 18.58 -8.21 13.24
CA PRO A 132 17.21 -8.57 12.84
C PRO A 132 16.67 -7.66 11.76
N PRO A 133 15.70 -8.15 10.98
CA PRO A 133 15.17 -7.30 9.91
C PRO A 133 14.22 -6.21 10.42
N THR A 134 13.88 -5.29 9.53
CA THR A 134 13.01 -4.16 9.86
C THR A 134 11.68 -4.67 10.44
N ALA A 135 11.23 -4.02 11.51
CA ALA A 135 9.94 -4.34 12.11
C ALA A 135 8.80 -4.24 11.11
N ARG A 136 7.86 -5.16 11.25
CA ARG A 136 6.62 -5.06 10.49
C ARG A 136 5.44 -5.40 11.38
N SER A 137 4.27 -4.87 11.01
CA SER A 137 3.05 -5.13 11.76
C SER A 137 1.95 -5.54 10.78
N MSE A 138 1.42 -6.75 10.98
CA MSE A 138 0.30 -7.21 10.19
C MSE A 138 -0.94 -6.67 10.85
O MSE A 138 -1.27 -7.01 12.00
CB MSE A 138 0.32 -8.72 10.03
CG MSE A 138 1.36 -9.04 8.97
SE MSE A 138 1.57 -10.96 9.19
CE MSE A 138 2.75 -10.89 10.77
N ILE A 139 -1.62 -5.80 10.12
CA ILE A 139 -2.77 -5.08 10.65
C ILE A 139 -4.02 -5.57 9.94
N PHE A 140 -4.94 -6.11 10.72
CA PHE A 140 -6.19 -6.65 10.20
C PHE A 140 -7.32 -5.68 10.53
N VAL A 141 -7.99 -5.21 9.48
CA VAL A 141 -9.04 -4.22 9.60
C VAL A 141 -10.38 -4.91 9.38
N THR A 142 -11.23 -4.87 10.39
CA THR A 142 -12.55 -5.50 10.35
C THR A 142 -13.57 -4.56 9.71
N GLU A 143 -14.77 -5.06 9.41
CA GLU A 143 -15.78 -4.30 8.66
C GLU A 143 -16.20 -3.03 9.37
N ASP A 144 -16.14 -3.02 10.70
CA ASP A 144 -16.38 -1.84 11.52
C ASP A 144 -15.28 -0.76 11.44
N GLY A 145 -14.16 -1.08 10.77
CA GLY A 145 -13.06 -0.13 10.63
C GLY A 145 -12.02 -0.21 11.74
N GLU A 146 -12.30 -1.02 12.76
CA GLU A 146 -11.30 -1.26 13.81
C GLU A 146 -10.07 -1.98 13.27
N ARG A 147 -8.94 -1.76 13.92
CA ARG A 147 -7.68 -2.37 13.46
CA ARG A 147 -7.67 -2.34 13.46
C ARG A 147 -7.00 -3.17 14.57
N SER A 148 -6.51 -4.35 14.23
CA SER A 148 -5.90 -5.24 15.20
C SER A 148 -4.52 -5.57 14.68
N MSE A 149 -3.50 -5.13 15.43
CA MSE A 149 -2.12 -5.11 14.93
C MSE A 149 -1.34 -6.24 15.52
O MSE A 149 -1.53 -6.60 16.69
CB MSE A 149 -1.43 -3.80 15.29
CG MSE A 149 -2.38 -2.70 14.84
SE MSE A 149 -1.40 -1.02 14.97
CE MSE A 149 -1.18 -0.89 16.91
N ASN A 150 -0.45 -6.81 14.70
CA ASN A 150 0.36 -7.97 15.09
C ASN A 150 1.80 -7.70 14.70
N THR A 151 2.58 -7.36 15.71
CA THR A 151 3.85 -6.69 15.48
C THR A 151 5.06 -7.51 15.86
N TYR A 152 5.94 -7.72 14.88
CA TYR A 152 7.26 -8.28 15.12
C TYR A 152 8.27 -7.13 15.16
N LEU A 153 8.88 -6.93 16.33
CA LEU A 153 9.71 -5.75 16.54
C LEU A 153 11.04 -5.76 15.73
N GLY A 154 11.56 -6.94 15.41
CA GLY A 154 12.82 -7.02 14.63
C GLY A 154 13.87 -6.00 15.07
N ALA A 155 14.35 -5.19 14.12
CA ALA A 155 15.39 -4.21 14.37
C ALA A 155 15.05 -3.16 15.44
N CYS A 156 13.76 -2.95 15.76
CA CYS A 156 13.41 -2.05 16.87
C CYS A 156 14.09 -2.40 18.21
N VAL A 157 14.45 -3.66 18.41
CA VAL A 157 15.07 -4.05 19.70
C VAL A 157 16.47 -3.43 19.86
N GLU A 158 17.03 -2.91 18.76
CA GLU A 158 18.36 -2.31 18.81
C GLU A 158 18.39 -0.85 19.19
N LEU A 159 17.24 -0.17 19.20
CA LEU A 159 17.21 1.25 19.53
C LEU A 159 17.75 1.48 20.94
N GLY A 160 18.74 2.36 21.05
CA GLY A 160 19.37 2.61 22.34
C GLY A 160 19.86 4.03 22.47
N PRO A 161 20.54 4.35 23.61
CA PRO A 161 21.06 5.70 23.87
C PRO A 161 22.00 6.19 22.78
N GLU A 162 22.62 5.27 22.03
CA GLU A 162 23.53 5.64 20.94
C GLU A 162 22.81 6.32 19.77
N ASP A 163 21.49 6.19 19.73
CA ASP A 163 20.66 6.73 18.65
C ASP A 163 20.04 8.08 18.99
N VAL A 164 20.36 8.61 20.18
CA VAL A 164 19.94 9.94 20.58
C VAL A 164 20.84 10.98 19.93
N GLU A 165 20.28 11.76 19.03
CA GLU A 165 20.98 12.91 18.44
C GLU A 165 20.70 14.06 19.40
N ALA A 166 21.66 14.29 20.30
CA ALA A 166 21.51 15.25 21.39
C ALA A 166 21.19 16.65 20.90
N ASP A 167 21.81 17.08 19.79
CA ASP A 167 21.56 18.41 19.23
C ASP A 167 20.09 18.55 18.81
N VAL A 168 19.50 17.46 18.36
CA VAL A 168 18.11 17.49 17.88
C VAL A 168 17.16 17.64 19.08
N VAL A 169 17.35 16.82 20.12
CA VAL A 169 16.55 16.96 21.36
C VAL A 169 16.69 18.36 21.96
N ALA A 170 17.93 18.86 22.05
CA ALA A 170 18.19 20.24 22.51
C ALA A 170 17.43 21.32 21.72
N ASP A 171 17.22 21.07 20.43
CA ASP A 171 16.67 22.08 19.50
C ASP A 171 15.24 21.74 19.06
N ALA A 172 14.56 20.89 19.83
CA ALA A 172 13.14 20.59 19.56
C ALA A 172 12.20 21.11 20.66
N LYS A 173 11.16 21.84 20.28
CA LYS A 173 10.25 22.40 21.29
C LYS A 173 9.64 21.28 22.14
N VAL A 174 9.26 20.18 21.49
CA VAL A 174 8.65 19.03 22.16
C VAL A 174 9.29 17.76 21.63
N THR A 175 9.72 16.91 22.56
CA THR A 175 10.06 15.53 22.23
C THR A 175 8.97 14.60 22.75
N TYR A 176 8.38 13.86 21.81
CA TYR A 176 7.25 12.96 22.07
C TYR A 176 7.67 11.53 21.83
N PHE A 177 7.24 10.63 22.71
CA PHE A 177 7.59 9.23 22.59
C PHE A 177 6.44 8.26 22.89
N GLU A 178 6.57 7.04 22.38
CA GLU A 178 5.59 5.97 22.59
C GLU A 178 5.79 5.20 23.88
N GLY A 179 4.69 4.95 24.59
CA GLY A 179 4.69 3.91 25.62
C GLY A 179 5.16 2.57 25.06
N TYR A 180 4.89 2.33 23.77
CA TYR A 180 5.32 1.11 23.10
C TYR A 180 6.83 0.87 23.23
N LEU A 181 7.61 1.93 23.47
CA LEU A 181 9.06 1.82 23.58
C LEU A 181 9.50 1.02 24.80
N TRP A 182 8.56 0.74 25.73
CA TRP A 182 8.93 -0.01 26.91
C TRP A 182 9.04 -1.53 26.64
N ASP A 183 8.58 -1.96 25.46
CA ASP A 183 8.70 -3.39 25.10
C ASP A 183 10.12 -3.81 24.68
N PRO A 184 10.76 -3.05 23.74
CA PRO A 184 12.18 -3.37 23.44
C PRO A 184 13.08 -3.08 24.64
N PRO A 185 14.28 -3.71 24.70
CA PRO A 185 15.02 -3.69 25.96
C PRO A 185 15.66 -2.37 26.36
N ARG A 186 16.26 -1.66 25.40
CA ARG A 186 17.08 -0.49 25.72
C ARG A 186 16.48 0.85 25.32
N ALA A 187 15.33 0.85 24.64
CA ALA A 187 14.78 2.13 24.19
C ALA A 187 14.52 3.10 25.35
N LYS A 188 14.08 2.57 26.51
CA LYS A 188 13.79 3.38 27.69
C LYS A 188 15.00 4.19 28.14
N GLU A 189 16.20 3.63 28.01
CA GLU A 189 17.42 4.38 28.31
C GLU A 189 17.57 5.59 27.39
N ALA A 190 17.32 5.40 26.09
CA ALA A 190 17.30 6.54 25.16
C ALA A 190 16.32 7.63 25.60
N ILE A 191 15.13 7.21 25.99
CA ILE A 191 14.10 8.17 26.42
C ILE A 191 14.48 8.96 27.68
N LEU A 192 15.06 8.28 28.67
CA LEU A 192 15.57 8.98 29.85
C LEU A 192 16.68 9.99 29.45
N ASP A 193 17.55 9.63 28.49
CA ASP A 193 18.53 10.58 27.98
C ASP A 193 17.84 11.81 27.33
N CYS A 194 16.84 11.57 26.48
CA CYS A 194 16.04 12.64 25.88
C CYS A 194 15.41 13.57 26.93
N ALA A 195 14.82 12.98 27.98
CA ALA A 195 14.17 13.74 29.04
C ALA A 195 15.15 14.70 29.69
N ARG A 196 16.36 14.22 29.94
CA ARG A 196 17.42 15.00 30.58
C ARG A 196 17.85 16.16 29.69
N ILE A 197 18.15 15.85 28.42
CA ILE A 197 18.57 16.87 27.46
C ILE A 197 17.43 17.86 27.22
N ALA A 198 16.22 17.37 27.02
CA ALA A 198 15.10 18.25 26.72
C ALA A 198 14.92 19.27 27.86
N HIS A 199 14.80 18.77 29.09
CA HIS A 199 14.53 19.64 30.22
C HIS A 199 15.70 20.59 30.55
N GLN A 200 16.94 20.16 30.29
CA GLN A 200 18.11 21.01 30.45
C GLN A 200 18.06 22.21 29.50
N HIS A 201 17.44 22.02 28.33
CA HIS A 201 17.38 23.05 27.33
C HIS A 201 16.05 23.78 27.31
N GLY A 202 15.27 23.62 28.40
CA GLY A 202 13.97 24.29 28.54
C GLY A 202 12.83 23.82 27.63
N ARG A 203 12.97 22.59 27.12
CA ARG A 203 11.99 22.03 26.19
C ARG A 203 10.96 21.19 26.96
N GLU A 204 9.98 20.64 26.26
CA GLU A 204 9.01 19.75 26.91
C GLU A 204 9.03 18.32 26.40
N MSE A 205 8.62 17.40 27.26
CA MSE A 205 8.53 15.99 26.95
C MSE A 205 7.08 15.58 26.92
O MSE A 205 6.28 16.01 27.75
CB MSE A 205 9.20 15.20 28.06
CG MSE A 205 10.71 15.42 28.14
SE MSE A 205 11.56 14.68 26.53
CE MSE A 205 10.99 12.79 26.73
N SER A 206 6.76 14.72 25.98
CA SER A 206 5.39 14.22 25.85
C SER A 206 5.42 12.72 25.62
N MSE A 207 4.38 12.02 26.09
CA MSE A 207 4.29 10.59 25.76
C MSE A 207 2.87 10.23 25.44
O MSE A 207 1.92 10.92 25.83
CB MSE A 207 4.86 9.73 26.87
CG MSE A 207 3.79 9.47 27.90
SE MSE A 207 4.49 8.17 29.18
CE MSE A 207 4.34 6.54 28.09
N THR A 208 2.71 9.16 24.69
CA THR A 208 1.42 8.54 24.49
C THR A 208 1.41 7.22 25.23
N LEU A 209 0.28 6.91 25.85
CA LEU A 209 0.13 5.62 26.55
C LEU A 209 0.03 4.44 25.59
N SER A 210 -0.16 4.74 24.30
CA SER A 210 -0.03 3.78 23.17
C SER A 210 -1.15 2.74 23.02
N ASP A 211 -1.43 1.98 24.07
CA ASP A 211 -2.28 0.80 24.00
C ASP A 211 -2.60 0.35 25.42
N SER A 212 -3.83 -0.05 25.66
CA SER A 212 -4.27 -0.38 27.02
C SER A 212 -3.54 -1.56 27.65
N PHE A 213 -3.12 -2.53 26.83
CA PHE A 213 -2.34 -3.69 27.30
C PHE A 213 -0.91 -3.28 27.54
N CYS A 214 -0.42 -2.36 26.71
CA CYS A 214 0.89 -1.76 26.95
C CYS A 214 0.88 -1.07 28.32
N VAL A 215 -0.18 -0.30 28.62
CA VAL A 215 -0.33 0.31 29.94
C VAL A 215 -0.37 -0.76 31.03
N ASP A 216 -1.08 -1.88 30.78
CA ASP A 216 -1.17 -2.98 31.75
C ASP A 216 0.25 -3.46 32.08
N ARG A 217 1.13 -3.51 31.07
CA ARG A 217 2.49 -4.04 31.25
C ARG A 217 3.40 -3.09 32.02
N TYR A 218 3.22 -1.79 31.81
CA TYR A 218 4.18 -0.78 32.31
C TYR A 218 3.54 0.33 33.16
N ARG A 219 2.38 0.03 33.72
CA ARG A 219 1.61 0.97 34.52
C ARG A 219 2.46 1.79 35.52
N GLY A 220 3.21 1.08 36.37
CA GLY A 220 4.04 1.72 37.41
C GLY A 220 5.09 2.64 36.83
N GLU A 221 5.75 2.18 35.76
CA GLU A 221 6.79 2.98 35.10
C GLU A 221 6.21 4.23 34.42
N PHE A 222 5.06 4.07 33.77
CA PHE A 222 4.40 5.21 33.13
C PHE A 222 3.99 6.28 34.16
N LEU A 223 3.32 5.86 35.25
CA LEU A 223 2.98 6.77 36.34
C LEU A 223 4.20 7.48 36.90
N ASP A 224 5.32 6.74 37.04
CA ASP A 224 6.55 7.34 37.57
C ASP A 224 7.12 8.38 36.61
N LEU A 225 7.05 8.13 35.30
CA LEU A 225 7.46 9.13 34.32
C LEU A 225 6.69 10.43 34.49
N MSE A 226 5.38 10.30 34.74
CA MSE A 226 4.50 11.47 34.87
C MSE A 226 4.75 12.17 36.19
O MSE A 226 4.93 13.39 36.24
CB MSE A 226 3.07 11.00 34.73
CG MSE A 226 2.74 10.65 33.28
SE MSE A 226 1.12 9.54 33.26
CE MSE A 226 -0.24 10.88 33.73
N ARG A 227 4.78 11.40 37.27
CA ARG A 227 4.90 11.95 38.62
C ARG A 227 6.28 12.57 38.91
N SER A 228 7.34 12.00 38.33
CA SER A 228 8.69 12.55 38.48
C SER A 228 8.93 13.78 37.57
N GLY A 229 7.98 14.08 36.69
CA GLY A 229 8.10 15.23 35.80
C GLY A 229 8.97 15.01 34.58
N LYS A 230 9.31 13.76 34.29
CA LYS A 230 10.05 13.44 33.07
C LYS A 230 9.16 13.66 31.84
N VAL A 231 7.85 13.47 32.02
CA VAL A 231 6.85 13.70 30.98
C VAL A 231 5.98 14.89 31.40
N ASP A 232 5.85 15.85 30.49
CA ASP A 232 5.03 17.06 30.73
C ASP A 232 3.64 16.98 30.10
N ILE A 233 3.51 16.29 28.97
CA ILE A 233 2.24 16.22 28.25
C ILE A 233 1.95 14.75 27.92
N VAL A 234 0.79 14.25 28.35
CA VAL A 234 0.43 12.83 28.12
CA VAL A 234 0.45 12.85 28.10
C VAL A 234 -0.78 12.72 27.20
N PHE A 235 -0.69 11.80 26.23
CA PHE A 235 -1.79 11.45 25.37
C PHE A 235 -2.33 10.09 25.77
N ALA A 236 -3.64 10.00 25.91
CA ALA A 236 -4.33 8.74 26.27
C ALA A 236 -5.64 8.66 25.50
N ASN A 237 -6.10 7.44 25.23
CA ASN A 237 -7.51 7.28 24.86
C ASN A 237 -8.28 6.80 26.11
N ARG A 238 -9.60 6.63 25.98
CA ARG A 238 -10.43 6.25 27.12
C ARG A 238 -9.91 4.95 27.74
N GLN A 239 -9.66 3.95 26.90
CA GLN A 239 -9.26 2.61 27.35
C GLN A 239 -7.93 2.69 28.11
N GLU A 240 -6.99 3.47 27.58
CA GLU A 240 -5.67 3.62 28.22
C GLU A 240 -5.79 4.33 29.55
N ALA A 241 -6.65 5.35 29.62
CA ALA A 241 -6.84 6.11 30.85
C ALA A 241 -7.42 5.21 31.93
N LEU A 242 -8.44 4.42 31.56
CA LEU A 242 -9.10 3.49 32.48
C LEU A 242 -8.08 2.46 32.97
N SER A 243 -7.27 1.97 32.04
N SER A 243 -7.26 1.96 32.05
CA SER A 243 -6.26 0.98 32.35
CA SER A 243 -6.23 0.97 32.37
C SER A 243 -5.16 1.54 33.26
C SER A 243 -5.16 1.54 33.29
N LEU A 244 -4.80 2.80 33.05
CA LEU A 244 -3.75 3.43 33.84
C LEU A 244 -4.07 3.40 35.33
N TYR A 245 -5.36 3.58 35.66
CA TYR A 245 -5.79 3.62 37.07
C TYR A 245 -6.59 2.38 37.48
N GLN A 246 -6.67 1.42 36.57
CA GLN A 246 -7.43 0.16 36.74
C GLN A 246 -8.82 0.42 37.29
N THR A 247 -9.52 1.31 36.61
CA THR A 247 -10.85 1.73 37.02
C THR A 247 -11.83 1.60 35.85
N ASP A 248 -13.12 1.51 36.17
CA ASP A 248 -14.18 1.57 35.17
C ASP A 248 -14.83 2.95 35.19
N ASP A 249 -14.35 3.80 36.08
CA ASP A 249 -14.88 5.16 36.24
C ASP A 249 -14.02 6.15 35.46
N PHE A 250 -14.50 6.55 34.28
CA PHE A 250 -13.81 7.52 33.44
C PHE A 250 -13.60 8.87 34.12
N GLU A 251 -14.59 9.36 34.87
CA GLU A 251 -14.40 10.59 35.63
C GLU A 251 -13.26 10.49 36.62
N GLU A 252 -13.15 9.34 37.31
CA GLU A 252 -12.00 9.12 38.17
C GLU A 252 -10.71 9.19 37.35
N ALA A 253 -10.68 8.47 36.23
CA ALA A 253 -9.48 8.47 35.36
C ALA A 253 -9.08 9.89 34.96
N LEU A 254 -10.06 10.70 34.55
CA LEU A 254 -9.77 12.10 34.16
C LEU A 254 -9.21 12.90 35.34
N ASN A 255 -9.85 12.81 36.51
CA ASN A 255 -9.34 13.51 37.69
C ASN A 255 -7.91 13.10 38.05
N ARG A 256 -7.63 11.79 38.01
CA ARG A 256 -6.32 11.28 38.39
C ARG A 256 -5.22 11.64 37.38
N ILE A 257 -5.53 11.53 36.09
CA ILE A 257 -4.52 11.86 35.07
C ILE A 257 -4.11 13.35 35.15
N ALA A 258 -5.08 14.21 35.43
CA ALA A 258 -4.81 15.65 35.55
C ALA A 258 -3.89 15.95 36.75
N ALA A 259 -4.04 15.16 37.82
CA ALA A 259 -3.20 15.29 39.01
C ALA A 259 -1.79 14.76 38.77
N ASP A 260 -1.64 13.88 37.78
CA ASP A 260 -0.36 13.18 37.53
C ASP A 260 0.57 13.80 36.47
N CYS A 261 0.00 14.66 35.61
CA CYS A 261 0.80 15.29 34.56
CA CYS A 261 0.76 15.26 34.51
C CYS A 261 0.34 16.72 34.32
N LYS A 262 1.21 17.54 33.74
CA LYS A 262 0.90 18.98 33.60
C LYS A 262 -0.23 19.21 32.60
N ILE A 263 -0.18 18.51 31.47
CA ILE A 263 -1.24 18.57 30.49
C ILE A 263 -1.57 17.13 30.05
N ALA A 264 -2.87 16.79 30.03
CA ALA A 264 -3.31 15.50 29.52
C ALA A 264 -4.28 15.74 28.36
N ALA A 265 -4.01 15.06 27.24
CA ALA A 265 -4.97 15.08 26.13
C ALA A 265 -5.58 13.69 26.00
N VAL A 266 -6.89 13.62 26.24
CA VAL A 266 -7.59 12.33 26.32
C VAL A 266 -8.63 12.20 25.23
N THR A 267 -8.42 11.24 24.34
CA THR A 267 -9.34 11.04 23.23
C THR A 267 -10.42 10.06 23.58
N MSE A 268 -11.60 10.29 23.00
CA MSE A 268 -12.76 9.43 23.25
C MSE A 268 -13.44 8.99 21.96
O MSE A 268 -14.66 9.05 21.85
CB MSE A 268 -13.71 10.15 24.21
CG MSE A 268 -12.95 10.81 25.37
SE MSE A 268 -14.16 11.98 26.39
CE MSE A 268 -14.25 13.54 25.18
N SER A 269 -12.63 8.54 21.00
CA SER A 269 -13.12 8.01 19.71
C SER A 269 -14.17 8.94 19.07
N GLU A 270 -15.34 8.40 18.74
CA GLU A 270 -16.39 9.21 18.10
C GLU A 270 -16.89 10.39 18.95
N ASN A 271 -16.64 10.33 20.27
CA ASN A 271 -17.06 11.40 21.21
C ASN A 271 -16.02 12.51 21.39
N GLY A 272 -15.04 12.57 20.49
CA GLY A 272 -14.05 13.64 20.48
C GLY A 272 -12.92 13.51 21.49
N ALA A 273 -12.65 14.59 22.21
CA ALA A 273 -11.49 14.67 23.10
C ALA A 273 -11.69 15.65 24.24
N VAL A 274 -10.87 15.50 25.29
CA VAL A 274 -10.86 16.50 26.36
C VAL A 274 -9.41 16.77 26.76
N ILE A 275 -9.07 18.04 26.87
CA ILE A 275 -7.71 18.45 27.24
C ILE A 275 -7.73 18.94 28.69
N LEU A 276 -6.83 18.41 29.50
CA LEU A 276 -6.80 18.74 30.92
C LEU A 276 -5.51 19.47 31.27
N LYS A 277 -5.68 20.53 32.07
CA LYS A 277 -4.55 21.29 32.59
C LYS A 277 -4.91 21.77 33.98
N GLY A 278 -4.28 21.16 34.99
CA GLY A 278 -4.62 21.50 36.39
C GLY A 278 -6.09 21.26 36.64
N ARG A 279 -6.83 22.32 36.97
CA ARG A 279 -8.28 22.21 37.16
C ARG A 279 -9.08 22.49 35.89
N GLU A 280 -8.42 22.98 34.85
CA GLU A 280 -9.07 23.29 33.56
C GLU A 280 -9.37 22.04 32.72
N ARG A 281 -10.55 22.00 32.09
CA ARG A 281 -10.91 20.99 31.10
C ARG A 281 -11.43 21.66 29.84
N TYR A 282 -10.88 21.28 28.68
CA TYR A 282 -11.36 21.79 27.38
C TYR A 282 -11.85 20.64 26.51
N TYR A 283 -13.16 20.55 26.33
CA TYR A 283 -13.75 19.50 25.50
C TYR A 283 -13.79 19.94 24.05
N VAL A 284 -13.56 18.98 23.15
CA VAL A 284 -13.55 19.20 21.71
C VAL A 284 -14.38 18.10 21.05
N ASN A 285 -15.22 18.48 20.08
CA ASN A 285 -15.99 17.50 19.29
C ASN A 285 -15.19 16.81 18.18
N ALA A 286 -15.53 15.55 17.89
CA ALA A 286 -15.00 14.85 16.72
C ALA A 286 -15.68 15.38 15.44
N ILE A 287 -14.98 15.29 14.30
CA ILE A 287 -15.55 15.76 13.03
C ILE A 287 -16.56 14.76 12.43
N ARG A 288 -17.32 15.21 11.43
CA ARG A 288 -18.25 14.35 10.70
C ARG A 288 -17.53 13.42 9.72
N ILE A 289 -17.76 12.13 9.91
CA ILE A 289 -17.16 11.12 9.05
C ILE A 289 -18.21 10.63 8.06
N ARG A 290 -17.82 10.57 6.78
CA ARG A 290 -18.65 9.95 5.75
C ARG A 290 -18.75 8.45 6.01
N GLU A 291 -17.60 7.82 6.24
CA GLU A 291 -17.51 6.41 6.61
C GLU A 291 -16.14 6.15 7.22
N VAL A 292 -16.12 5.40 8.32
CA VAL A 292 -14.86 4.99 8.95
C VAL A 292 -14.28 3.84 8.15
N VAL A 293 -13.22 4.12 7.41
CA VAL A 293 -12.58 3.16 6.52
C VAL A 293 -11.62 2.25 7.29
N ASP A 294 -10.72 2.89 8.04
CA ASP A 294 -9.67 2.17 8.76
C ASP A 294 -9.18 3.11 9.84
N THR A 295 -9.37 2.73 11.10
CA THR A 295 -9.03 3.62 12.23
C THR A 295 -7.53 3.71 12.51
N THR A 296 -6.71 2.90 11.82
CA THR A 296 -5.26 2.89 12.07
C THR A 296 -4.68 4.29 11.95
N GLY A 297 -3.95 4.72 12.98
CA GLY A 297 -3.31 6.02 13.01
C GLY A 297 -4.14 7.16 13.62
N ALA A 298 -5.38 6.89 14.02
CA ALA A 298 -6.25 7.96 14.53
C ALA A 298 -5.60 8.69 15.70
N GLY A 299 -5.13 7.93 16.69
CA GLY A 299 -4.50 8.50 17.85
C GLY A 299 -3.20 9.19 17.50
N ASP A 300 -2.47 8.61 16.55
CA ASP A 300 -1.18 9.20 16.16
C ASP A 300 -1.37 10.57 15.54
N LEU A 301 -2.40 10.68 14.69
CA LEU A 301 -2.67 11.93 13.99
C LEU A 301 -3.36 12.97 14.88
N PHE A 302 -4.13 12.50 15.85
CA PHE A 302 -4.58 13.40 16.91
C PHE A 302 -3.38 14.11 17.59
N ALA A 303 -2.36 13.33 17.93
CA ALA A 303 -1.12 13.88 18.50
C ALA A 303 -0.42 14.82 17.53
N SER A 304 -0.41 14.50 16.23
CA SER A 304 0.16 15.38 15.22
C SER A 304 -0.51 16.76 15.26
N GLY A 305 -1.84 16.75 15.21
CA GLY A 305 -2.64 17.98 15.24
C GLY A 305 -2.44 18.78 16.52
N PHE A 306 -2.49 18.08 17.66
CA PHE A 306 -2.32 18.72 18.95
C PHE A 306 -0.92 19.34 19.09
N LEU A 307 0.10 18.57 18.76
CA LEU A 307 1.45 19.06 18.94
C LEU A 307 1.84 20.16 17.94
N TYR A 308 1.34 20.07 16.71
CA TYR A 308 1.46 21.18 15.75
C TYR A 308 0.85 22.47 16.33
N GLY A 309 -0.38 22.39 16.80
CA GLY A 309 -1.02 23.57 17.40
C GLY A 309 -0.24 24.08 18.60
N TYR A 310 0.19 23.15 19.45
CA TYR A 310 0.88 23.50 20.69
C TYR A 310 2.17 24.27 20.46
N THR A 311 2.96 23.79 19.51
CA THR A 311 4.23 24.37 19.20
C THR A 311 4.08 25.65 18.34
N GLN A 312 2.86 25.91 17.91
CA GLN A 312 2.54 27.17 17.23
C GLN A 312 1.97 28.20 18.22
N GLY A 313 1.91 27.84 19.50
CA GLY A 313 1.36 28.74 20.53
C GLY A 313 -0.15 28.86 20.56
N ARG A 314 -0.86 27.88 20.00
CA ARG A 314 -2.34 27.89 19.97
C ARG A 314 -2.96 27.50 21.32
N SER A 315 -4.22 27.90 21.53
CA SER A 315 -4.95 27.52 22.74
C SER A 315 -5.07 25.99 22.83
N LEU A 316 -5.17 25.48 24.05
CA LEU A 316 -5.35 24.04 24.22
C LEU A 316 -6.61 23.54 23.49
N GLU A 317 -7.69 24.33 23.50
CA GLU A 317 -8.89 23.97 22.74
C GLU A 317 -8.60 23.85 21.25
N ASP A 318 -7.92 24.85 20.67
CA ASP A 318 -7.52 24.79 19.26
C ASP A 318 -6.56 23.63 18.94
N CYS A 319 -5.70 23.27 19.90
CA CYS A 319 -4.80 22.12 19.72
C CYS A 319 -5.66 20.86 19.61
N GLY A 320 -6.62 20.70 20.51
CA GLY A 320 -7.62 19.63 20.41
C GLY A 320 -8.38 19.62 19.09
N LYS A 321 -8.80 20.79 18.62
CA LYS A 321 -9.52 20.85 17.34
C LYS A 321 -8.64 20.37 16.18
N LEU A 322 -7.38 20.80 16.18
CA LEU A 322 -6.41 20.37 15.17
C LEU A 322 -6.18 18.86 15.21
N GLY A 323 -6.09 18.32 16.42
CA GLY A 323 -5.96 16.88 16.63
C GLY A 323 -7.16 16.12 16.06
N CYS A 324 -8.35 16.58 16.38
CA CYS A 324 -9.56 15.90 15.91
C CYS A 324 -9.71 15.99 14.38
N LEU A 325 -9.29 17.13 13.81
CA LEU A 325 -9.31 17.29 12.37
C LEU A 325 -8.40 16.27 11.69
N ALA A 326 -7.15 16.21 12.14
CA ALA A 326 -6.19 15.27 11.54
C ALA A 326 -6.64 13.81 11.72
N ALA A 327 -7.11 13.48 12.92
CA ALA A 327 -7.57 12.12 13.22
C ALA A 327 -8.76 11.72 12.33
N GLY A 328 -9.71 12.65 12.18
CA GLY A 328 -10.88 12.41 11.34
C GLY A 328 -10.51 12.12 9.88
N ILE A 329 -9.47 12.79 9.40
CA ILE A 329 -9.03 12.61 8.02
C ILE A 329 -8.37 11.24 7.82
N VAL A 330 -7.45 10.88 8.71
CA VAL A 330 -6.72 9.62 8.53
C VAL A 330 -7.61 8.37 8.60
N ILE A 331 -8.72 8.45 9.37
CA ILE A 331 -9.61 7.27 9.48
C ILE A 331 -10.52 7.04 8.26
N GLN A 332 -10.51 7.99 7.32
CA GLN A 332 -11.26 7.89 6.08
C GLN A 332 -10.42 7.39 4.91
N GLN A 333 -9.22 6.87 5.20
CA GLN A 333 -8.36 6.31 4.17
C GLN A 333 -7.69 5.03 4.65
N ILE A 334 -7.17 4.25 3.72
CA ILE A 334 -6.28 3.12 4.02
C ILE A 334 -4.85 3.66 4.14
N GLY A 335 -4.11 3.22 5.15
CA GLY A 335 -2.79 3.80 5.40
C GLY A 335 -2.84 4.73 6.61
N PRO A 336 -1.80 4.67 7.45
CA PRO A 336 -1.82 5.38 8.72
C PRO A 336 -1.35 6.82 8.64
N ARG A 337 -0.99 7.27 7.43
CA ARG A 337 -0.45 8.60 7.25
C ARG A 337 -1.25 9.27 6.15
N PRO A 338 -1.95 10.38 6.47
CA PRO A 338 -2.81 11.03 5.46
C PRO A 338 -2.08 11.32 4.15
N MSE A 339 -2.75 10.97 3.05
CA MSE A 339 -2.18 11.16 1.72
C MSE A 339 -2.54 12.51 1.18
O MSE A 339 -1.98 12.96 0.18
CB MSE A 339 -2.75 10.07 0.83
CG MSE A 339 -2.09 8.77 1.24
SE MSE A 339 -2.78 7.35 0.10
CE MSE A 339 -4.45 6.95 1.06
N THR A 340 -3.48 13.17 1.85
CA THR A 340 -3.94 14.51 1.48
C THR A 340 -3.26 15.58 2.33
N SER A 341 -3.42 16.84 1.96
CA SER A 341 -2.78 17.92 2.71
C SER A 341 -3.58 18.30 3.97
N LEU A 342 -2.96 18.09 5.12
CA LEU A 342 -3.54 18.49 6.39
C LEU A 342 -3.54 19.99 6.58
N SER A 343 -2.50 20.67 6.09
CA SER A 343 -2.47 22.13 6.18
C SER A 343 -3.62 22.73 5.37
N GLU A 344 -3.89 22.19 4.18
CA GLU A 344 -5.02 22.67 3.38
C GLU A 344 -6.34 22.43 4.10
N ALA A 345 -6.49 21.27 4.73
CA ALA A 345 -7.70 20.94 5.48
C ALA A 345 -7.88 21.88 6.67
N ALA A 346 -6.79 22.13 7.39
CA ALA A 346 -6.76 23.06 8.52
C ALA A 346 -7.15 24.50 8.13
N LYS A 347 -6.68 24.94 6.96
CA LYS A 347 -7.06 26.25 6.41
C LYS A 347 -8.56 26.32 6.10
N GLN A 348 -9.08 25.29 5.41
CA GLN A 348 -10.50 25.21 5.06
C GLN A 348 -11.38 25.26 6.31
N ALA A 349 -10.86 24.67 7.38
CA ALA A 349 -11.56 24.54 8.66
C ALA A 349 -11.39 25.79 9.53
N GLY A 350 -10.67 26.77 9.00
CA GLY A 350 -10.37 28.00 9.72
C GLY A 350 -9.52 27.84 10.96
N LEU A 351 -8.78 26.73 11.04
CA LEU A 351 -7.88 26.47 12.16
C LEU A 351 -6.51 27.02 11.82
N ILE A 352 -6.29 27.15 10.51
CA ILE A 352 -5.11 27.76 9.87
C ILE A 352 -3.80 27.00 10.03
N MSE B 23 -11.68 -32.68 -16.83
CA MSE B 23 -11.32 -31.59 -15.86
C MSE B 23 -9.99 -31.00 -16.18
O MSE B 23 -9.01 -31.72 -16.33
CB MSE B 23 -11.22 -32.17 -14.45
CG MSE B 23 -12.57 -32.68 -13.94
SE MSE B 23 -12.34 -33.11 -12.02
CE MSE B 23 -11.15 -34.67 -12.22
N THR B 24 -9.91 -29.68 -16.30
CA THR B 24 -8.64 -29.02 -16.56
C THR B 24 -8.21 -28.36 -15.25
N ARG B 25 -6.92 -28.51 -14.91
CA ARG B 25 -6.41 -28.01 -13.64
C ARG B 25 -6.60 -26.49 -13.51
N PHE B 26 -6.35 -25.76 -14.60
CA PHE B 26 -6.38 -24.30 -14.57
C PHE B 26 -7.23 -23.79 -15.71
N ASP B 27 -7.94 -22.70 -15.43
CA ASP B 27 -8.67 -21.99 -16.47
C ASP B 27 -7.73 -21.05 -17.19
N VAL B 28 -6.94 -20.31 -16.40
CA VAL B 28 -6.04 -19.30 -16.95
C VAL B 28 -4.66 -19.34 -16.30
N LEU B 29 -3.66 -19.57 -17.15
CA LEU B 29 -2.28 -19.30 -16.80
C LEU B 29 -1.90 -17.95 -17.40
N THR B 30 -1.26 -17.10 -16.60
CA THR B 30 -0.68 -15.87 -17.13
C THR B 30 0.83 -15.89 -16.90
N VAL B 31 1.54 -15.15 -17.74
CA VAL B 31 3.00 -15.09 -17.66
C VAL B 31 3.35 -13.61 -17.85
N GLY B 32 4.18 -13.09 -16.96
CA GLY B 32 4.54 -11.68 -17.06
C GLY B 32 5.73 -11.29 -16.22
N ASN B 33 6.02 -9.99 -16.23
CA ASN B 33 7.00 -9.37 -15.36
C ASN B 33 6.47 -9.23 -13.94
N ALA B 34 7.10 -9.94 -13.01
CA ALA B 34 6.65 -9.93 -11.60
C ALA B 34 7.19 -8.68 -10.92
N ILE B 35 6.29 -7.78 -10.56
CA ILE B 35 6.66 -6.42 -10.13
C ILE B 35 5.91 -6.04 -8.87
N VAL B 36 6.57 -5.32 -7.96
CA VAL B 36 5.85 -4.64 -6.87
C VAL B 36 5.69 -3.17 -7.22
N ASP B 37 4.47 -2.64 -7.11
CA ASP B 37 4.21 -1.24 -7.37
C ASP B 37 4.51 -0.36 -6.17
N ILE B 38 5.04 0.82 -6.47
CA ILE B 38 5.31 1.84 -5.47
C ILE B 38 4.51 3.05 -5.97
N ILE B 39 3.47 3.44 -5.24
CA ILE B 39 2.42 4.32 -5.76
C ILE B 39 2.36 5.65 -5.02
N SER B 40 2.35 6.73 -5.80
CA SER B 40 2.22 8.07 -5.22
C SER B 40 1.35 8.94 -6.13
N ARG B 41 0.60 9.85 -5.54
CA ARG B 41 -0.10 10.85 -6.31
C ARG B 41 0.85 12.03 -6.59
N CYS B 42 0.81 12.58 -7.80
CA CYS B 42 1.66 13.75 -8.12
C CYS B 42 0.85 14.78 -8.88
N ASN B 43 1.37 16.02 -8.94
CA ASN B 43 0.78 17.03 -9.82
C ASN B 43 1.26 16.84 -11.25
N ASP B 44 0.63 17.54 -12.19
CA ASP B 44 0.98 17.40 -13.61
C ASP B 44 2.44 17.81 -13.89
N GLN B 45 2.90 18.83 -13.19
CA GLN B 45 4.25 19.38 -13.42
C GLN B 45 5.34 18.36 -13.10
N PHE B 46 5.07 17.49 -12.13
CA PHE B 46 6.07 16.50 -11.73
C PHE B 46 6.48 15.65 -12.94
N LEU B 47 5.52 15.25 -13.75
CA LEU B 47 5.79 14.42 -14.95
C LEU B 47 6.65 15.15 -15.97
N ILE B 48 6.31 16.42 -16.21
CA ILE B 48 7.08 17.27 -17.14
C ILE B 48 8.50 17.49 -16.64
N ASP B 49 8.63 17.81 -15.35
CA ASP B 49 9.92 18.11 -14.75
C ASP B 49 10.86 16.91 -14.82
N ASN B 50 10.29 15.71 -14.69
CA ASN B 50 11.07 14.48 -14.70
C ASN B 50 11.07 13.73 -16.03
N GLN B 51 10.50 14.35 -17.07
CA GLN B 51 10.45 13.77 -18.42
C GLN B 51 9.87 12.34 -18.41
N ILE B 52 8.80 12.17 -17.65
CA ILE B 52 8.06 10.91 -17.56
C ILE B 52 6.94 10.97 -18.58
N THR B 53 6.88 9.98 -19.48
CA THR B 53 5.80 9.96 -20.48
C THR B 53 4.49 9.58 -19.78
N LYS B 54 3.51 10.50 -19.83
CA LYS B 54 2.23 10.28 -19.10
C LYS B 54 1.45 9.13 -19.70
N ALA B 55 0.84 8.33 -18.81
CA ALA B 55 -0.04 7.20 -19.16
C ALA B 55 0.69 5.97 -19.68
N ALA B 56 2.02 6.01 -19.66
CA ALA B 56 2.83 4.98 -20.32
C ALA B 56 3.72 4.22 -19.34
N MSE B 57 4.28 3.11 -19.82
CA MSE B 57 5.25 2.33 -19.06
C MSE B 57 6.59 2.81 -19.54
O MSE B 57 6.94 2.65 -20.73
CB MSE B 57 5.00 0.86 -19.41
CG MSE B 57 5.60 -0.11 -18.42
SE MSE B 57 7.55 -0.20 -18.62
CE MSE B 57 7.55 -1.05 -20.40
N ASN B 58 7.34 3.43 -18.63
CA ASN B 58 8.65 3.98 -18.89
C ASN B 58 9.68 3.08 -18.26
N LEU B 59 10.47 2.39 -19.10
CA LEU B 59 11.56 1.56 -18.55
C LEU B 59 12.67 2.43 -17.99
N ILE B 60 13.23 2.01 -16.84
CA ILE B 60 14.32 2.78 -16.23
C ILE B 60 15.41 1.86 -15.71
N ASP B 61 16.64 2.37 -15.66
CA ASP B 61 17.72 1.61 -15.04
C ASP B 61 17.79 1.86 -13.54
N ALA B 62 18.70 1.15 -12.88
CA ALA B 62 18.83 1.20 -11.42
C ALA B 62 19.13 2.62 -10.93
N GLU B 63 20.02 3.31 -11.64
CA GLU B 63 20.38 4.69 -11.26
C GLU B 63 19.18 5.62 -11.34
N ARG B 64 18.43 5.57 -12.45
CA ARG B 64 17.22 6.37 -12.58
C ARG B 64 16.14 6.01 -11.56
N ALA B 65 16.05 4.73 -11.22
CA ALA B 65 15.10 4.27 -10.20
C ALA B 65 15.42 4.96 -8.88
N GLU B 66 16.68 5.04 -8.51
CA GLU B 66 17.04 5.71 -7.29
C GLU B 66 16.79 7.19 -7.38
N LEU B 67 17.10 7.77 -8.52
CA LEU B 67 16.87 9.20 -8.68
C LEU B 67 15.38 9.53 -8.54
N LEU B 68 14.52 8.81 -9.29
CA LEU B 68 13.07 9.08 -9.21
C LEU B 68 12.53 8.85 -7.81
N TYR B 69 12.98 7.78 -7.15
CA TYR B 69 12.52 7.48 -5.79
C TYR B 69 12.88 8.64 -4.86
N SER B 70 14.09 9.17 -5.03
CA SER B 70 14.56 10.28 -4.21
C SER B 70 13.62 11.50 -4.33
N ARG B 71 12.94 11.64 -5.47
CA ARG B 71 12.02 12.75 -5.72
C ARG B 71 10.55 12.45 -5.45
N MSE B 72 10.23 11.17 -5.21
CA MSE B 72 8.86 10.72 -5.00
C MSE B 72 8.41 11.01 -3.60
O MSE B 72 9.18 10.91 -2.65
CB MSE B 72 8.85 9.23 -5.28
CG MSE B 72 7.42 8.69 -5.20
SE MSE B 72 7.58 6.80 -5.64
CE MSE B 72 5.86 6.53 -6.57
N GLY B 73 7.14 11.35 -3.45
CA GLY B 73 6.58 11.55 -2.13
C GLY B 73 6.39 10.24 -1.35
N PRO B 74 5.85 10.34 -0.12
CA PRO B 74 5.51 9.11 0.63
C PRO B 74 4.62 8.22 -0.23
N ALA B 75 4.88 6.92 -0.22
CA ALA B 75 4.23 6.01 -1.16
C ALA B 75 3.54 4.85 -0.45
N LEU B 76 2.73 4.12 -1.21
CA LEU B 76 2.19 2.84 -0.77
C LEU B 76 2.71 1.76 -1.70
N GLU B 77 2.93 0.57 -1.15
CA GLU B 77 3.36 -0.56 -1.96
C GLU B 77 2.26 -1.59 -2.11
N ALA B 78 2.20 -2.18 -3.29
CA ALA B 78 1.23 -3.22 -3.58
C ALA B 78 1.73 -4.07 -4.71
N SER B 79 1.52 -5.39 -4.62
CA SER B 79 1.90 -6.27 -5.72
C SER B 79 1.23 -5.84 -7.03
N GLY B 80 2.04 -5.81 -8.10
CA GLY B 80 1.58 -5.45 -9.43
C GLY B 80 1.99 -6.50 -10.46
N GLY B 81 2.45 -6.03 -11.61
CA GLY B 81 2.76 -6.91 -12.76
C GLY B 81 1.45 -7.10 -13.50
N SER B 82 1.40 -6.66 -14.76
CA SER B 82 0.16 -6.71 -15.53
CA SER B 82 0.16 -6.71 -15.52
C SER B 82 -0.52 -8.10 -15.49
N ALA B 83 0.19 -9.12 -15.96
CA ALA B 83 -0.28 -10.52 -15.91
C ALA B 83 -0.55 -11.04 -14.51
N GLY B 84 0.25 -10.59 -13.54
CA GLY B 84 0.02 -10.99 -12.13
C GLY B 84 -1.34 -10.50 -11.67
N ASN B 85 -1.65 -9.24 -11.99
CA ASN B 85 -2.95 -8.62 -11.67
C ASN B 85 -4.05 -9.42 -12.36
N THR B 86 -3.84 -9.78 -13.62
CA THR B 86 -4.86 -10.52 -14.37
C THR B 86 -5.12 -11.87 -13.74
N ALA B 87 -4.04 -12.60 -13.40
CA ALA B 87 -4.20 -13.90 -12.72
C ALA B 87 -4.96 -13.74 -11.39
N ALA B 88 -4.61 -12.72 -10.61
CA ALA B 88 -5.28 -12.46 -9.32
C ALA B 88 -6.78 -12.19 -9.53
N GLY B 89 -7.09 -11.41 -10.58
CA GLY B 89 -8.49 -11.11 -10.91
C GLY B 89 -9.31 -12.33 -11.29
N VAL B 90 -8.70 -13.23 -12.06
CA VAL B 90 -9.38 -14.47 -12.44
C VAL B 90 -9.70 -15.30 -11.18
N ALA B 91 -8.73 -15.41 -10.27
CA ALA B 91 -8.92 -16.14 -9.02
C ALA B 91 -10.01 -15.49 -8.16
N ASN B 92 -9.97 -14.17 -8.04
CA ASN B 92 -10.97 -13.40 -7.30
C ASN B 92 -12.38 -13.72 -7.82
N LEU B 93 -12.54 -13.73 -9.15
CA LEU B 93 -13.85 -14.07 -9.78
C LEU B 93 -14.28 -15.50 -9.55
N GLY B 94 -13.35 -16.37 -9.18
CA GLY B 94 -13.66 -17.77 -8.92
C GLY B 94 -13.09 -18.77 -9.89
N GLY B 95 -12.30 -18.29 -10.86
CA GLY B 95 -11.65 -19.16 -11.83
C GLY B 95 -10.39 -19.75 -11.22
N LYS B 96 -9.83 -20.74 -11.89
CA LYS B 96 -8.63 -21.36 -11.39
C LYS B 96 -7.45 -20.82 -12.18
N ALA B 97 -6.56 -20.12 -11.47
CA ALA B 97 -5.46 -19.41 -12.13
C ALA B 97 -4.07 -19.85 -11.70
N ALA B 98 -3.09 -19.67 -12.60
CA ALA B 98 -1.67 -19.92 -12.33
C ALA B 98 -0.85 -18.78 -12.92
N TYR B 99 0.38 -18.61 -12.42
CA TYR B 99 1.23 -17.53 -12.88
C TYR B 99 2.67 -17.96 -12.98
N PHE B 100 3.35 -17.55 -14.04
CA PHE B 100 4.80 -17.64 -14.16
C PHE B 100 5.38 -16.22 -14.17
N GLY B 101 6.33 -15.97 -13.28
CA GLY B 101 7.05 -14.69 -13.24
C GLY B 101 8.17 -14.79 -12.23
N ASN B 102 9.25 -14.07 -12.47
CA ASN B 102 10.44 -14.23 -11.66
C ASN B 102 10.72 -13.05 -10.75
N VAL B 103 10.78 -13.34 -9.44
CA VAL B 103 11.18 -12.35 -8.45
C VAL B 103 12.56 -12.74 -7.90
N ALA B 104 13.13 -11.87 -7.07
CA ALA B 104 14.37 -12.23 -6.36
C ALA B 104 14.06 -12.76 -4.96
N ALA B 105 15.07 -13.34 -4.32
CA ALA B 105 14.97 -13.82 -2.94
C ALA B 105 15.23 -12.61 -2.04
N ASP B 106 14.23 -11.74 -1.94
CA ASP B 106 14.36 -10.54 -1.11
C ASP B 106 12.98 -10.20 -0.56
N GLN B 107 12.89 -9.15 0.24
CA GLN B 107 11.62 -8.82 0.88
C GLN B 107 10.51 -8.46 -0.11
N LEU B 108 10.85 -7.73 -1.18
CA LEU B 108 9.85 -7.37 -2.19
C LEU B 108 9.35 -8.63 -2.91
N GLY B 109 10.27 -9.57 -3.14
CA GLY B 109 9.92 -10.86 -3.76
C GLY B 109 9.00 -11.65 -2.85
N ASP B 110 9.26 -11.59 -1.55
CA ASP B 110 8.43 -12.26 -0.55
C ASP B 110 7.04 -11.67 -0.56
N ILE B 111 6.96 -10.34 -0.66
CA ILE B 111 5.64 -9.67 -0.76
C ILE B 111 4.85 -10.14 -1.99
N PHE B 112 5.51 -10.08 -3.15
CA PHE B 112 4.90 -10.52 -4.38
C PHE B 112 4.43 -11.97 -4.25
N THR B 113 5.30 -12.85 -3.75
CA THR B 113 4.95 -14.26 -3.64
C THR B 113 3.73 -14.43 -2.73
N HIS B 114 3.76 -13.77 -1.57
CA HIS B 114 2.62 -13.84 -0.66
C HIS B 114 1.28 -13.43 -1.31
N ASP B 115 1.27 -12.26 -1.94
CA ASP B 115 0.01 -11.66 -2.39
C ASP B 115 -0.66 -12.51 -3.45
N ILE B 116 0.11 -12.98 -4.42
CA ILE B 116 -0.47 -13.76 -5.51
CA ILE B 116 -0.47 -13.76 -5.51
C ILE B 116 -0.94 -15.14 -5.03
N ARG B 117 -0.12 -15.81 -4.20
CA ARG B 117 -0.50 -17.10 -3.60
C ARG B 117 -1.73 -16.95 -2.64
N ALA B 118 -1.81 -15.85 -1.91
CA ALA B 118 -2.90 -15.64 -0.93
C ALA B 118 -4.25 -15.48 -1.61
N GLN B 119 -4.21 -15.05 -2.87
CA GLN B 119 -5.39 -14.87 -3.70
C GLN B 119 -5.84 -16.22 -4.30
N GLY B 120 -5.00 -17.24 -4.14
CA GLY B 120 -5.35 -18.59 -4.58
C GLY B 120 -4.84 -18.93 -5.98
N VAL B 121 -3.84 -18.17 -6.43
CA VAL B 121 -3.17 -18.40 -7.72
C VAL B 121 -2.00 -19.37 -7.50
N HIS B 122 -1.89 -20.39 -8.35
CA HIS B 122 -0.70 -21.27 -8.35
C HIS B 122 0.50 -20.45 -8.79
N TYR B 123 1.50 -20.34 -7.92
CA TYR B 123 2.71 -19.59 -8.23
C TYR B 123 3.93 -20.28 -7.66
N GLN B 124 4.73 -20.85 -8.56
CA GLN B 124 5.82 -21.71 -8.15
C GLN B 124 7.17 -21.41 -8.79
N THR B 125 7.25 -20.27 -9.50
CA THR B 125 8.53 -19.85 -10.12
C THR B 125 9.55 -19.58 -9.03
N LYS B 126 10.73 -20.18 -9.16
CA LYS B 126 11.74 -20.13 -8.10
C LYS B 126 12.69 -18.94 -8.28
N PRO B 127 12.93 -18.15 -7.22
CA PRO B 127 13.93 -17.08 -7.33
C PRO B 127 15.31 -17.67 -7.63
N LYS B 128 16.13 -16.93 -8.39
CA LYS B 128 17.45 -17.41 -8.82
C LYS B 128 18.59 -16.90 -7.95
N GLY B 129 18.30 -15.84 -7.19
CA GLY B 129 19.24 -15.20 -6.27
C GLY B 129 18.65 -13.90 -5.74
N ALA B 130 19.45 -13.09 -5.07
CA ALA B 130 19.03 -11.78 -4.57
C ALA B 130 19.36 -10.65 -5.54
N PHE B 131 20.23 -10.91 -6.51
CA PHE B 131 20.55 -9.90 -7.53
C PHE B 131 20.37 -10.48 -8.94
N PRO B 132 19.72 -9.72 -9.84
CA PRO B 132 19.11 -8.40 -9.60
C PRO B 132 17.94 -8.51 -8.61
N PRO B 133 17.63 -7.42 -7.90
CA PRO B 133 16.52 -7.50 -6.95
C PRO B 133 15.18 -7.54 -7.65
N THR B 134 14.13 -7.79 -6.88
CA THR B 134 12.76 -7.89 -7.42
C THR B 134 12.39 -6.60 -8.16
N ALA B 135 11.74 -6.74 -9.32
CA ALA B 135 11.30 -5.60 -10.10
C ALA B 135 10.36 -4.71 -9.29
N ARG B 136 10.48 -3.42 -9.49
CA ARG B 136 9.51 -2.49 -8.93
C ARG B 136 9.17 -1.43 -9.95
N SER B 137 7.97 -0.88 -9.82
CA SER B 137 7.50 0.19 -10.71
C SER B 137 7.00 1.34 -9.86
N MSE B 138 7.60 2.50 -10.06
CA MSE B 138 7.12 3.71 -9.37
C MSE B 138 6.04 4.26 -10.25
O MSE B 138 6.29 4.66 -11.40
CB MSE B 138 8.28 4.66 -9.15
CG MSE B 138 9.10 4.09 -8.00
SE MSE B 138 10.68 5.21 -7.93
CE MSE B 138 11.64 4.26 -9.36
N ILE B 139 4.83 4.28 -9.71
CA ILE B 139 3.65 4.65 -10.47
C ILE B 139 3.12 5.96 -9.89
N PHE B 140 3.05 6.97 -10.76
CA PHE B 140 2.62 8.29 -10.38
C PHE B 140 1.21 8.54 -10.89
N VAL B 141 0.30 8.79 -9.97
CA VAL B 141 -1.12 8.95 -10.32
C VAL B 141 -1.49 10.43 -10.28
N THR B 142 -1.89 10.96 -11.43
CA THR B 142 -2.26 12.38 -11.54
C THR B 142 -3.72 12.58 -11.14
N GLU B 143 -4.12 13.84 -10.97
CA GLU B 143 -5.46 14.19 -10.45
C GLU B 143 -6.62 13.66 -11.29
N ASP B 144 -6.34 13.43 -12.57
CA ASP B 144 -7.32 12.82 -13.49
C ASP B 144 -7.41 11.30 -13.35
N GLY B 145 -6.58 10.72 -12.48
CA GLY B 145 -6.58 9.28 -12.24
C GLY B 145 -5.71 8.47 -13.19
N GLU B 146 -5.09 9.15 -14.15
CA GLU B 146 -4.15 8.51 -15.04
C GLU B 146 -2.91 8.06 -14.26
N ARG B 147 -2.29 6.99 -14.73
CA ARG B 147 -1.09 6.46 -14.08
CA ARG B 147 -1.10 6.43 -14.08
C ARG B 147 0.10 6.41 -15.03
N SER B 148 1.26 6.83 -14.54
CA SER B 148 2.47 6.86 -15.35
C SER B 148 3.49 6.04 -14.62
N MSE B 149 3.91 4.93 -15.24
CA MSE B 149 4.73 3.91 -14.55
C MSE B 149 6.17 3.98 -14.97
O MSE B 149 6.49 4.26 -16.13
CB MSE B 149 4.19 2.52 -14.89
CG MSE B 149 2.68 2.57 -14.75
SE MSE B 149 2.05 0.72 -14.80
CE MSE B 149 2.35 0.27 -16.68
N ASN B 150 7.05 3.74 -14.01
CA ASN B 150 8.49 3.85 -14.20
C ASN B 150 9.11 2.61 -13.62
N THR B 151 9.47 1.68 -14.52
CA THR B 151 9.70 0.30 -14.14
C THR B 151 11.15 -0.11 -14.28
N TYR B 152 11.74 -0.56 -13.17
CA TYR B 152 13.06 -1.18 -13.18
C TYR B 152 12.82 -2.68 -13.13
N LEU B 153 13.21 -3.37 -14.21
CA LEU B 153 12.86 -4.78 -14.38
C LEU B 153 13.57 -5.75 -13.42
N GLY B 154 14.74 -5.37 -12.92
CA GLY B 154 15.43 -6.20 -11.93
C GLY B 154 15.43 -7.68 -12.31
N ALA B 155 14.95 -8.51 -11.38
CA ALA B 155 14.96 -9.97 -11.54
C ALA B 155 14.13 -10.50 -12.72
N CYS B 156 13.19 -9.69 -13.23
CA CYS B 156 12.43 -10.07 -14.45
C CYS B 156 13.31 -10.43 -15.65
N VAL B 157 14.53 -9.87 -15.70
CA VAL B 157 15.43 -10.17 -16.83
C VAL B 157 15.89 -11.64 -16.83
N GLU B 158 15.71 -12.34 -15.70
CA GLU B 158 16.11 -13.73 -15.58
C GLU B 158 15.06 -14.74 -16.05
N LEU B 159 13.82 -14.31 -16.32
CA LEU B 159 12.79 -15.25 -16.74
C LEU B 159 13.16 -15.89 -18.07
N GLY B 160 13.14 -17.21 -18.12
CA GLY B 160 13.43 -17.91 -19.36
C GLY B 160 12.70 -19.23 -19.49
N PRO B 161 13.08 -20.04 -20.50
CA PRO B 161 12.45 -21.33 -20.76
C PRO B 161 12.46 -22.24 -19.54
N GLU B 162 13.49 -22.10 -18.69
CA GLU B 162 13.62 -22.92 -17.47
C GLU B 162 12.45 -22.73 -16.49
N ASP B 163 11.73 -21.62 -16.64
CA ASP B 163 10.60 -21.30 -15.77
C ASP B 163 9.24 -21.77 -16.29
N VAL B 164 9.26 -22.49 -17.41
CA VAL B 164 8.02 -23.02 -17.99
C VAL B 164 7.69 -24.34 -17.29
N GLU B 165 6.60 -24.33 -16.53
CA GLU B 165 6.08 -25.55 -15.92
C GLU B 165 5.19 -26.16 -16.98
N ALA B 166 5.75 -27.11 -17.72
CA ALA B 166 5.08 -27.66 -18.90
C ALA B 166 3.72 -28.29 -18.56
N ASP B 167 3.64 -29.00 -17.44
CA ASP B 167 2.35 -29.60 -17.01
C ASP B 167 1.29 -28.52 -16.74
N VAL B 168 1.71 -27.37 -16.23
CA VAL B 168 0.77 -26.29 -15.99
C VAL B 168 0.22 -25.74 -17.33
N VAL B 169 1.12 -25.43 -18.26
CA VAL B 169 0.71 -25.00 -19.61
C VAL B 169 -0.23 -26.03 -20.27
N ALA B 170 0.17 -27.30 -20.23
CA ALA B 170 -0.60 -28.41 -20.82
C ALA B 170 -2.03 -28.51 -20.24
N ASP B 171 -2.15 -28.13 -18.96
CA ASP B 171 -3.38 -28.25 -18.19
C ASP B 171 -4.11 -26.91 -17.97
N ALA B 172 -3.83 -25.91 -18.80
CA ALA B 172 -4.54 -24.62 -18.67
C ALA B 172 -5.39 -24.30 -19.90
N LYS B 173 -6.65 -23.92 -19.71
CA LYS B 173 -7.52 -23.65 -20.85
C LYS B 173 -6.93 -22.52 -21.71
N VAL B 174 -6.51 -21.44 -21.07
CA VAL B 174 -5.85 -20.34 -21.77
C VAL B 174 -4.52 -20.02 -21.10
N THR B 175 -3.46 -19.87 -21.89
CA THR B 175 -2.23 -19.22 -21.43
C THR B 175 -2.16 -17.83 -22.01
N TYR B 176 -2.06 -16.84 -21.12
CA TYR B 176 -2.08 -15.42 -21.48
C TYR B 176 -0.78 -14.76 -21.07
N PHE B 177 -0.24 -13.92 -21.95
CA PHE B 177 1.03 -13.26 -21.64
C PHE B 177 1.09 -11.79 -22.03
N GLU B 178 2.08 -11.10 -21.44
CA GLU B 178 2.27 -9.68 -21.75
C GLU B 178 3.17 -9.42 -22.94
N GLY B 179 2.74 -8.48 -23.79
CA GLY B 179 3.65 -7.82 -24.72
C GLY B 179 4.91 -7.27 -24.03
N TYR B 180 4.74 -6.81 -22.79
CA TYR B 180 5.86 -6.35 -21.96
C TYR B 180 6.99 -7.36 -21.82
N LEU B 181 6.69 -8.63 -22.06
CA LEU B 181 7.74 -9.65 -21.95
C LEU B 181 8.81 -9.58 -23.03
N TRP B 182 8.58 -8.76 -24.06
CA TRP B 182 9.56 -8.62 -25.11
C TRP B 182 10.74 -7.71 -24.73
N ASP B 183 10.62 -6.98 -23.62
CA ASP B 183 11.73 -6.14 -23.13
C ASP B 183 12.85 -6.94 -22.50
N PRO B 184 12.52 -7.82 -21.52
CA PRO B 184 13.60 -8.68 -20.99
C PRO B 184 14.13 -9.62 -22.08
N PRO B 185 15.36 -10.12 -21.93
CA PRO B 185 16.02 -10.81 -23.05
C PRO B 185 15.48 -12.20 -23.43
N ARG B 186 15.12 -13.02 -22.43
CA ARG B 186 14.86 -14.44 -22.71
C ARG B 186 13.43 -14.87 -22.49
N ALA B 187 12.60 -13.95 -22.02
CA ALA B 187 11.21 -14.28 -21.76
C ALA B 187 10.42 -14.76 -23.00
N LYS B 188 10.76 -14.19 -24.17
CA LYS B 188 10.11 -14.59 -25.42
C LYS B 188 10.31 -16.06 -25.74
N GLU B 189 11.46 -16.61 -25.35
CA GLU B 189 11.72 -18.05 -25.57
C GLU B 189 10.77 -18.91 -24.73
N ALA B 190 10.55 -18.52 -23.48
CA ALA B 190 9.57 -19.18 -22.63
C ALA B 190 8.18 -19.14 -23.25
N ILE B 191 7.80 -17.99 -23.80
CA ILE B 191 6.48 -17.82 -24.44
C ILE B 191 6.30 -18.70 -25.68
N LEU B 192 7.29 -18.70 -26.56
CA LEU B 192 7.30 -19.67 -27.66
C LEU B 192 7.15 -21.13 -27.23
N ASP B 193 7.85 -21.55 -26.16
CA ASP B 193 7.66 -22.88 -25.58
C ASP B 193 6.20 -23.07 -25.08
N CYS B 194 5.66 -22.06 -24.39
CA CYS B 194 4.27 -22.10 -23.94
C CYS B 194 3.31 -22.30 -25.10
N ALA B 195 3.50 -21.53 -26.17
CA ALA B 195 2.61 -21.61 -27.34
C ALA B 195 2.62 -23.02 -27.91
N ARG B 196 3.80 -23.62 -27.98
CA ARG B 196 3.95 -24.96 -28.54
C ARG B 196 3.18 -25.98 -27.70
N ILE B 197 3.41 -25.95 -26.39
CA ILE B 197 2.79 -26.91 -25.47
C ILE B 197 1.28 -26.69 -25.43
N ALA B 198 0.86 -25.43 -25.31
CA ALA B 198 -0.57 -25.10 -25.28
C ALA B 198 -1.31 -25.70 -26.48
N HIS B 199 -0.84 -25.37 -27.69
CA HIS B 199 -1.51 -25.81 -28.90
C HIS B 199 -1.44 -27.31 -29.13
N GLN B 200 -0.36 -27.94 -28.69
CA GLN B 200 -0.21 -29.39 -28.78
C GLN B 200 -1.29 -30.08 -27.93
N HIS B 201 -1.72 -29.39 -26.87
CA HIS B 201 -2.71 -29.93 -25.94
C HIS B 201 -4.10 -29.34 -26.17
N GLY B 202 -4.29 -28.66 -27.29
CA GLY B 202 -5.60 -28.13 -27.69
C GLY B 202 -6.09 -26.91 -26.94
N ARG B 203 -5.16 -26.19 -26.33
CA ARG B 203 -5.48 -25.05 -25.49
C ARG B 203 -5.35 -23.79 -26.33
N GLU B 204 -5.65 -22.64 -25.73
CA GLU B 204 -5.56 -21.38 -26.45
C GLU B 204 -4.55 -20.43 -25.83
N MSE B 205 -3.93 -19.62 -26.69
CA MSE B 205 -2.92 -18.65 -26.29
C MSE B 205 -3.50 -17.28 -26.44
O MSE B 205 -4.22 -16.98 -27.41
CB MSE B 205 -1.73 -18.70 -27.25
CG MSE B 205 -0.81 -19.92 -27.16
SE MSE B 205 0.00 -20.07 -25.37
CE MSE B 205 0.98 -18.37 -25.34
N SER B 206 -3.19 -16.42 -25.48
CA SER B 206 -3.67 -15.06 -25.52
C SER B 206 -2.56 -14.09 -25.19
N MSE B 207 -2.63 -12.88 -25.75
CA MSE B 207 -1.67 -11.84 -25.33
C MSE B 207 -2.33 -10.50 -25.21
O MSE B 207 -3.40 -10.26 -25.77
CB MSE B 207 -0.52 -11.73 -26.32
CG MSE B 207 -0.76 -10.74 -27.43
SE MSE B 207 0.86 -10.69 -28.53
CE MSE B 207 2.04 -9.68 -27.31
N THR B 208 -1.70 -9.63 -24.44
CA THR B 208 -2.09 -8.24 -24.41
C THR B 208 -0.96 -7.44 -25.04
N LEU B 209 -1.32 -6.41 -25.78
CA LEU B 209 -0.34 -5.55 -26.43
C LEU B 209 0.34 -4.64 -25.41
N SER B 210 -0.23 -4.57 -24.20
CA SER B 210 0.40 -3.98 -22.99
C SER B 210 0.50 -2.45 -22.93
N ASP B 211 1.13 -1.84 -23.94
CA ASP B 211 1.42 -0.41 -23.90
C ASP B 211 1.76 0.02 -25.32
N SER B 212 1.31 1.22 -25.71
CA SER B 212 1.47 1.65 -27.11
C SER B 212 2.95 1.81 -27.55
N PHE B 213 3.81 2.20 -26.61
CA PHE B 213 5.25 2.31 -26.89
C PHE B 213 5.89 0.93 -26.96
N CYS B 214 5.41 0.00 -26.13
CA CYS B 214 5.81 -1.42 -26.24
C CYS B 214 5.46 -1.95 -27.65
N VAL B 215 4.27 -1.61 -28.14
CA VAL B 215 3.86 -1.96 -29.49
C VAL B 215 4.80 -1.32 -30.51
N ASP B 216 5.15 -0.05 -30.30
CA ASP B 216 6.09 0.66 -31.18
C ASP B 216 7.40 -0.10 -31.25
N ARG B 217 7.86 -0.63 -30.11
CA ARG B 217 9.14 -1.37 -30.07
C ARG B 217 9.10 -2.74 -30.74
N TYR B 218 7.96 -3.41 -30.71
CA TYR B 218 7.88 -4.84 -31.10
C TYR B 218 6.76 -5.15 -32.10
N ARG B 219 6.33 -4.11 -32.82
CA ARG B 219 5.25 -4.21 -33.78
CA ARG B 219 5.24 -4.21 -33.78
C ARG B 219 5.32 -5.45 -34.68
N GLY B 220 6.44 -5.59 -35.41
CA GLY B 220 6.64 -6.70 -36.33
C GLY B 220 6.49 -8.04 -35.65
N GLU B 221 7.11 -8.18 -34.48
CA GLU B 221 7.09 -9.42 -33.75
C GLU B 221 5.71 -9.76 -33.25
N PHE B 222 4.99 -8.75 -32.74
CA PHE B 222 3.63 -8.98 -32.29
C PHE B 222 2.72 -9.44 -33.44
N LEU B 223 2.82 -8.78 -34.60
CA LEU B 223 2.00 -9.17 -35.77
C LEU B 223 2.33 -10.60 -36.17
N ASP B 224 3.61 -10.96 -36.10
CA ASP B 224 4.04 -12.32 -36.47
C ASP B 224 3.45 -13.35 -35.50
N LEU B 225 3.39 -13.03 -34.21
CA LEU B 225 2.74 -13.90 -33.25
C LEU B 225 1.28 -14.16 -33.63
N MSE B 226 0.58 -13.12 -34.03
CA MSE B 226 -0.85 -13.23 -34.38
C MSE B 226 -1.02 -13.99 -35.68
O MSE B 226 -1.77 -14.98 -35.74
CB MSE B 226 -1.44 -11.83 -34.44
CG MSE B 226 -1.53 -11.21 -33.05
SE MSE B 226 -1.69 -9.26 -33.22
CE MSE B 226 -3.56 -9.14 -33.83
N ARG B 227 -0.31 -13.56 -36.72
CA ARG B 227 -0.46 -14.15 -38.07
C ARG B 227 0.00 -15.60 -38.18
N SER B 228 1.00 -15.98 -37.38
CA SER B 228 1.48 -17.36 -37.35
C SER B 228 0.56 -18.29 -36.55
N GLY B 229 -0.41 -17.71 -35.84
CA GLY B 229 -1.34 -18.48 -35.03
C GLY B 229 -0.77 -18.86 -33.66
N LYS B 230 0.39 -18.30 -33.30
CA LYS B 230 0.93 -18.54 -31.96
C LYS B 230 0.05 -17.92 -30.88
N VAL B 231 -0.64 -16.82 -31.21
CA VAL B 231 -1.60 -16.15 -30.35
CA VAL B 231 -1.62 -16.24 -30.32
C VAL B 231 -3.01 -16.29 -30.93
N ASP B 232 -3.98 -16.74 -30.13
CA ASP B 232 -5.37 -16.87 -30.61
C ASP B 232 -6.26 -15.69 -30.24
N ILE B 233 -6.08 -15.16 -29.03
CA ILE B 233 -6.90 -14.07 -28.51
C ILE B 233 -6.00 -12.89 -28.15
N VAL B 234 -6.33 -11.70 -28.68
CA VAL B 234 -5.53 -10.49 -28.45
CA VAL B 234 -5.52 -10.52 -28.40
C VAL B 234 -6.29 -9.41 -27.68
N PHE B 235 -5.66 -8.87 -26.64
CA PHE B 235 -6.19 -7.72 -25.93
C PHE B 235 -5.44 -6.46 -26.32
N ALA B 236 -6.18 -5.40 -26.60
CA ALA B 236 -5.60 -4.09 -26.91
C ALA B 236 -6.50 -2.98 -26.38
N ASN B 237 -5.90 -1.85 -26.03
CA ASN B 237 -6.70 -0.64 -25.92
C ASN B 237 -6.64 0.14 -27.25
N ARG B 238 -7.38 1.25 -27.32
CA ARG B 238 -7.44 2.06 -28.54
C ARG B 238 -6.04 2.47 -29.00
N GLN B 239 -5.25 2.99 -28.06
CA GLN B 239 -3.88 3.48 -28.34
C GLN B 239 -2.98 2.35 -28.90
N GLU B 240 -3.05 1.18 -28.30
CA GLU B 240 -2.27 0.02 -28.77
C GLU B 240 -2.70 -0.43 -30.15
N ALA B 241 -4.01 -0.40 -30.42
CA ALA B 241 -4.54 -0.85 -31.72
C ALA B 241 -4.10 0.10 -32.83
N LEU B 242 -4.18 1.41 -32.57
CA LEU B 242 -3.67 2.42 -33.50
C LEU B 242 -2.16 2.29 -33.74
N SER B 243 -1.41 2.03 -32.66
N SER B 243 -1.40 2.04 -32.67
CA SER B 243 0.02 1.87 -32.74
CA SER B 243 0.04 1.86 -32.78
C SER B 243 0.42 0.62 -33.53
C SER B 243 0.40 0.62 -33.57
N LEU B 244 -0.34 -0.46 -33.36
CA LEU B 244 -0.05 -1.73 -34.04
C LEU B 244 -0.05 -1.56 -35.57
N TYR B 245 -0.95 -0.71 -36.09
CA TYR B 245 -1.06 -0.49 -37.53
C TYR B 245 -0.59 0.90 -37.97
N GLN B 246 -0.08 1.67 -37.01
CA GLN B 246 0.47 3.02 -37.25
C GLN B 246 -0.53 3.86 -38.02
N THR B 247 -1.76 3.86 -37.50
CA THR B 247 -2.86 4.57 -38.13
C THR B 247 -3.52 5.51 -37.13
N ASP B 248 -4.13 6.58 -37.62
CA ASP B 248 -5.04 7.41 -36.82
C ASP B 248 -6.50 6.95 -36.95
N ASP B 249 -6.73 5.98 -37.82
CA ASP B 249 -8.08 5.51 -38.14
C ASP B 249 -8.44 4.29 -37.30
N PHE B 250 -9.25 4.51 -36.26
CA PHE B 250 -9.68 3.42 -35.38
C PHE B 250 -10.47 2.32 -36.10
N GLU B 251 -11.30 2.70 -37.08
CA GLU B 251 -12.03 1.69 -37.85
C GLU B 251 -11.09 0.78 -38.65
N GLU B 252 -10.04 1.35 -39.22
CA GLU B 252 -9.00 0.58 -39.92
C GLU B 252 -8.35 -0.38 -38.94
N ALA B 253 -7.98 0.15 -37.78
CA ALA B 253 -7.34 -0.68 -36.76
C ALA B 253 -8.24 -1.88 -36.39
N LEU B 254 -9.54 -1.66 -36.20
CA LEU B 254 -10.44 -2.77 -35.85
C LEU B 254 -10.55 -3.83 -36.95
N ASN B 255 -10.73 -3.37 -38.18
CA ASN B 255 -10.78 -4.28 -39.32
C ASN B 255 -9.49 -5.08 -39.45
N ARG B 256 -8.34 -4.43 -39.30
CA ARG B 256 -7.07 -5.12 -39.45
C ARG B 256 -6.79 -6.11 -38.32
N ILE B 257 -7.06 -5.72 -37.08
CA ILE B 257 -6.84 -6.61 -35.96
C ILE B 257 -7.71 -7.89 -36.05
N ALA B 258 -8.95 -7.71 -36.52
CA ALA B 258 -9.87 -8.85 -36.74
C ALA B 258 -9.34 -9.82 -37.80
N ALA B 259 -8.60 -9.28 -38.77
CA ALA B 259 -8.00 -10.08 -39.82
C ALA B 259 -6.76 -10.84 -39.35
N ASP B 260 -6.14 -10.35 -38.27
CA ASP B 260 -4.84 -10.88 -37.83
C ASP B 260 -4.91 -11.87 -36.69
N CYS B 261 -6.04 -11.95 -36.00
CA CYS B 261 -6.17 -12.87 -34.88
CA CYS B 261 -6.19 -12.81 -34.83
C CYS B 261 -7.60 -13.39 -34.79
N LYS B 262 -7.76 -14.54 -34.13
CA LYS B 262 -9.07 -15.21 -34.11
C LYS B 262 -10.12 -14.40 -33.32
N ILE B 263 -9.73 -13.94 -32.14
CA ILE B 263 -10.58 -13.06 -31.33
C ILE B 263 -9.77 -11.86 -30.87
N ALA B 264 -10.35 -10.67 -30.97
CA ALA B 264 -9.73 -9.47 -30.43
C ALA B 264 -10.68 -8.77 -29.48
N ALA B 265 -10.16 -8.43 -28.29
CA ALA B 265 -10.88 -7.64 -27.32
C ALA B 265 -10.22 -6.25 -27.23
N VAL B 266 -10.92 -5.24 -27.72
CA VAL B 266 -10.39 -3.88 -27.78
C VAL B 266 -11.14 -2.94 -26.83
N THR B 267 -10.42 -2.42 -25.84
CA THR B 267 -10.99 -1.53 -24.86
C THR B 267 -10.85 -0.08 -25.27
N MSE B 268 -11.82 0.73 -24.88
CA MSE B 268 -11.80 2.17 -25.20
C MSE B 268 -12.07 3.03 -23.99
O MSE B 268 -12.84 3.98 -24.07
CB MSE B 268 -12.81 2.44 -26.32
CG MSE B 268 -12.64 1.39 -27.42
SE MSE B 268 -14.18 1.44 -28.63
CE MSE B 268 -15.51 0.57 -27.48
N SER B 269 -11.41 2.72 -22.88
CA SER B 269 -11.52 3.50 -21.63
C SER B 269 -12.98 3.74 -21.24
N GLU B 270 -13.36 4.99 -21.03
CA GLU B 270 -14.71 5.32 -20.57
C GLU B 270 -15.80 4.91 -21.57
N ASN B 271 -15.39 4.64 -22.81
CA ASN B 271 -16.31 4.25 -23.87
C ASN B 271 -16.54 2.74 -23.99
N GLY B 272 -16.04 1.97 -23.02
CA GLY B 272 -16.29 0.54 -22.93
C GLY B 272 -15.33 -0.28 -23.77
N ALA B 273 -15.87 -1.23 -24.52
CA ALA B 273 -15.04 -2.18 -25.29
C ALA B 273 -15.78 -2.74 -26.49
N VAL B 274 -15.02 -3.31 -27.42
CA VAL B 274 -15.59 -4.01 -28.57
C VAL B 274 -14.87 -5.35 -28.73
N ILE B 275 -15.65 -6.41 -28.87
CA ILE B 275 -15.10 -7.75 -29.06
C ILE B 275 -15.32 -8.14 -30.52
N LEU B 276 -14.24 -8.56 -31.17
CA LEU B 276 -14.24 -8.92 -32.58
C LEU B 276 -13.93 -10.39 -32.78
N LYS B 277 -14.70 -11.05 -33.64
CA LYS B 277 -14.41 -12.42 -34.06
C LYS B 277 -14.83 -12.60 -35.52
N GLY B 278 -13.85 -12.70 -36.40
CA GLY B 278 -14.14 -12.71 -37.83
C GLY B 278 -14.88 -11.44 -38.23
N ARG B 279 -16.12 -11.60 -38.69
CA ARG B 279 -16.96 -10.46 -39.02
C ARG B 279 -17.89 -10.01 -37.88
N GLU B 280 -18.00 -10.83 -36.82
CA GLU B 280 -18.80 -10.50 -35.64
C GLU B 280 -18.18 -9.34 -34.85
N ARG B 281 -19.02 -8.43 -34.34
CA ARG B 281 -18.59 -7.38 -33.40
C ARG B 281 -19.59 -7.26 -32.28
N TYR B 282 -19.09 -7.25 -31.04
CA TYR B 282 -19.94 -7.07 -29.86
C TYR B 282 -19.48 -5.88 -29.06
N TYR B 283 -20.32 -4.84 -29.02
CA TYR B 283 -19.99 -3.63 -28.25
C TYR B 283 -20.54 -3.72 -26.84
N VAL B 284 -19.71 -3.32 -25.87
CA VAL B 284 -20.05 -3.40 -24.44
C VAL B 284 -19.76 -2.05 -23.77
N ASN B 285 -20.69 -1.58 -22.94
CA ASN B 285 -20.54 -0.29 -22.25
C ASN B 285 -19.66 -0.38 -21.00
N ALA B 286 -18.95 0.70 -20.68
CA ALA B 286 -18.30 0.82 -19.37
C ALA B 286 -19.38 0.91 -18.27
N ILE B 287 -19.06 0.41 -17.07
CA ILE B 287 -20.00 0.49 -15.94
C ILE B 287 -20.05 1.91 -15.33
N ARG B 288 -21.09 2.19 -14.57
CA ARG B 288 -21.18 3.43 -13.81
C ARG B 288 -20.25 3.39 -12.59
N ILE B 289 -19.50 4.47 -12.40
CA ILE B 289 -18.52 4.56 -11.30
C ILE B 289 -18.69 5.80 -10.44
N ARG B 290 -18.30 5.67 -9.17
CA ARG B 290 -18.38 6.78 -8.21
C ARG B 290 -17.34 7.86 -8.54
N GLU B 291 -16.14 7.42 -8.89
CA GLU B 291 -15.06 8.32 -9.29
C GLU B 291 -13.86 7.51 -9.77
N VAL B 292 -13.06 8.11 -10.67
CA VAL B 292 -11.80 7.52 -11.11
C VAL B 292 -10.70 7.87 -10.11
N VAL B 293 -10.35 6.88 -9.29
CA VAL B 293 -9.34 7.08 -8.25
C VAL B 293 -7.94 6.85 -8.83
N ASP B 294 -7.76 5.74 -9.52
CA ASP B 294 -6.47 5.34 -10.04
C ASP B 294 -6.71 4.25 -11.09
N THR B 295 -6.45 4.58 -12.36
CA THR B 295 -6.72 3.66 -13.48
C THR B 295 -5.79 2.45 -13.53
N THR B 296 -4.78 2.41 -12.67
CA THR B 296 -3.80 1.32 -12.70
C THR B 296 -4.51 -0.02 -12.60
N GLY B 297 -4.26 -0.89 -13.57
CA GLY B 297 -4.87 -2.23 -13.59
C GLY B 297 -6.15 -2.39 -14.38
N ALA B 298 -6.67 -1.31 -14.96
CA ALA B 298 -7.95 -1.37 -15.68
C ALA B 298 -7.93 -2.39 -16.81
N GLY B 299 -6.91 -2.33 -17.67
CA GLY B 299 -6.79 -3.31 -18.75
C GLY B 299 -6.52 -4.72 -18.24
N ASP B 300 -5.68 -4.85 -17.21
CA ASP B 300 -5.39 -6.14 -16.61
C ASP B 300 -6.67 -6.83 -16.13
N LEU B 301 -7.55 -6.05 -15.50
CA LEU B 301 -8.72 -6.64 -14.90
C LEU B 301 -9.85 -6.82 -15.92
N PHE B 302 -9.86 -5.99 -16.97
CA PHE B 302 -10.68 -6.30 -18.13
C PHE B 302 -10.34 -7.71 -18.66
N ALA B 303 -9.04 -8.00 -18.79
CA ALA B 303 -8.61 -9.31 -19.25
C ALA B 303 -9.05 -10.38 -18.24
N SER B 304 -8.99 -10.06 -16.94
CA SER B 304 -9.45 -11.01 -15.91
C SER B 304 -10.92 -11.41 -16.14
N GLY B 305 -11.79 -10.40 -16.25
CA GLY B 305 -13.22 -10.65 -16.45
C GLY B 305 -13.49 -11.37 -17.75
N PHE B 306 -12.86 -10.89 -18.82
CA PHE B 306 -13.02 -11.55 -20.14
C PHE B 306 -12.60 -13.03 -20.14
N LEU B 307 -11.40 -13.32 -19.63
CA LEU B 307 -10.91 -14.69 -19.66
C LEU B 307 -11.65 -15.60 -18.70
N TYR B 308 -12.08 -15.03 -17.56
CA TYR B 308 -12.93 -15.77 -16.63
C TYR B 308 -14.20 -16.20 -17.36
N GLY B 309 -14.89 -15.23 -17.96
CA GLY B 309 -16.07 -15.54 -18.73
C GLY B 309 -15.80 -16.56 -19.83
N TYR B 310 -14.68 -16.39 -20.53
CA TYR B 310 -14.38 -17.17 -21.74
C TYR B 310 -14.17 -18.64 -21.38
N THR B 311 -13.46 -18.85 -20.29
CA THR B 311 -13.18 -20.20 -19.81
C THR B 311 -14.35 -20.85 -19.06
N GLN B 312 -15.39 -20.06 -18.82
CA GLN B 312 -16.65 -20.56 -18.26
C GLN B 312 -17.66 -20.87 -19.37
N GLY B 313 -17.27 -20.65 -20.62
CA GLY B 313 -18.12 -20.96 -21.79
C GLY B 313 -19.15 -19.88 -22.10
N ARG B 314 -18.97 -18.70 -21.52
CA ARG B 314 -19.87 -17.57 -21.73
C ARG B 314 -19.74 -16.96 -23.14
N SER B 315 -20.81 -16.28 -23.59
CA SER B 315 -20.81 -15.59 -24.88
C SER B 315 -19.75 -14.48 -24.88
N LEU B 316 -19.25 -14.14 -26.06
CA LEU B 316 -18.26 -13.06 -26.16
C LEU B 316 -18.77 -11.75 -25.56
N GLU B 317 -20.04 -11.41 -25.80
CA GLU B 317 -20.61 -10.20 -25.19
C GLU B 317 -20.57 -10.26 -23.65
N ASP B 318 -20.96 -11.41 -23.08
CA ASP B 318 -20.93 -11.56 -21.61
C ASP B 318 -19.48 -11.54 -21.10
N CYS B 319 -18.56 -12.05 -21.90
CA CYS B 319 -17.14 -11.93 -21.57
C CYS B 319 -16.72 -10.46 -21.49
N GLY B 320 -17.13 -9.67 -22.49
CA GLY B 320 -16.95 -8.22 -22.45
C GLY B 320 -17.53 -7.55 -21.21
N LYS B 321 -18.77 -7.92 -20.85
CA LYS B 321 -19.46 -7.33 -19.70
C LYS B 321 -18.71 -7.64 -18.40
N LEU B 322 -18.29 -8.88 -18.24
CA LEU B 322 -17.46 -9.29 -17.10
C LEU B 322 -16.14 -8.50 -17.04
N GLY B 323 -15.52 -8.29 -18.19
CA GLY B 323 -14.29 -7.47 -18.28
C GLY B 323 -14.54 -6.04 -17.85
N CYS B 324 -15.61 -5.41 -18.36
CA CYS B 324 -15.93 -4.02 -18.00
C CYS B 324 -16.31 -3.89 -16.53
N LEU B 325 -16.92 -4.95 -15.99
CA LEU B 325 -17.28 -4.93 -14.57
C LEU B 325 -16.02 -4.94 -13.71
N ALA B 326 -15.12 -5.88 -13.99
CA ALA B 326 -13.89 -6.00 -13.22
C ALA B 326 -12.99 -4.75 -13.36
N ALA B 327 -12.85 -4.25 -14.58
CA ALA B 327 -12.06 -3.02 -14.80
C ALA B 327 -12.68 -1.80 -14.11
N GLY B 328 -13.99 -1.63 -14.22
CA GLY B 328 -14.67 -0.52 -13.55
C GLY B 328 -14.48 -0.52 -12.03
N ILE B 329 -14.40 -1.71 -11.45
CA ILE B 329 -14.18 -1.84 -10.00
C ILE B 329 -12.76 -1.41 -9.63
N VAL B 330 -11.77 -1.91 -10.37
CA VAL B 330 -10.38 -1.66 -9.99
C VAL B 330 -9.99 -0.17 -10.07
N ILE B 331 -10.59 0.58 -10.99
CA ILE B 331 -10.23 1.99 -11.14
C ILE B 331 -10.80 2.91 -10.02
N GLN B 332 -11.64 2.34 -9.16
CA GLN B 332 -12.20 3.07 -8.03
C GLN B 332 -11.45 2.87 -6.71
N GLN B 333 -10.21 2.36 -6.79
CA GLN B 333 -9.43 2.08 -5.59
C GLN B 333 -7.96 2.31 -5.88
N ILE B 334 -7.16 2.50 -4.82
CA ILE B 334 -5.70 2.47 -4.92
C ILE B 334 -5.24 1.01 -4.85
N GLY B 335 -4.32 0.61 -5.72
CA GLY B 335 -3.93 -0.79 -5.79
C GLY B 335 -4.48 -1.38 -7.08
N PRO B 336 -3.65 -2.13 -7.82
CA PRO B 336 -4.01 -2.68 -9.12
C PRO B 336 -4.78 -4.00 -9.05
N ARG B 337 -5.06 -4.46 -7.84
CA ARG B 337 -5.79 -5.72 -7.66
C ARG B 337 -6.99 -5.47 -6.76
N PRO B 338 -8.21 -5.73 -7.27
CA PRO B 338 -9.40 -5.47 -6.45
C PRO B 338 -9.31 -6.09 -5.05
N MSE B 339 -9.61 -5.28 -4.03
CA MSE B 339 -9.61 -5.72 -2.64
C MSE B 339 -10.94 -6.26 -2.22
O MSE B 339 -11.07 -6.83 -1.14
CB MSE B 339 -9.24 -4.53 -1.76
CG MSE B 339 -7.82 -4.05 -2.04
SE MSE B 339 -7.40 -2.51 -0.89
CE MSE B 339 -8.08 -1.06 -2.04
N THR B 340 -11.94 -6.07 -3.08
CA THR B 340 -13.31 -6.52 -2.84
C THR B 340 -13.59 -7.78 -3.65
N SER B 341 -14.72 -8.43 -3.37
CA SER B 341 -15.06 -9.66 -4.08
C SER B 341 -15.65 -9.38 -5.45
N LEU B 342 -14.91 -9.77 -6.48
CA LEU B 342 -15.37 -9.64 -7.86
C LEU B 342 -16.51 -10.61 -8.14
N SER B 343 -16.42 -11.83 -7.58
CA SER B 343 -17.52 -12.79 -7.74
C SER B 343 -18.85 -12.24 -7.18
N GLU B 344 -18.80 -11.62 -6.00
CA GLU B 344 -19.99 -10.99 -5.40
C GLU B 344 -20.53 -9.87 -6.27
N ALA B 345 -19.63 -9.03 -6.80
CA ALA B 345 -20.04 -7.94 -7.71
C ALA B 345 -20.66 -8.48 -8.99
N ALA B 346 -20.07 -9.53 -9.56
CA ALA B 346 -20.63 -10.20 -10.73
C ALA B 346 -22.00 -10.79 -10.43
N LYS B 347 -22.17 -11.39 -9.25
CA LYS B 347 -23.50 -11.89 -8.85
C LYS B 347 -24.53 -10.76 -8.72
N GLN B 348 -24.12 -9.67 -8.09
CA GLN B 348 -24.97 -8.50 -7.90
C GLN B 348 -25.33 -7.81 -9.22
N ALA B 349 -24.38 -7.79 -10.16
CA ALA B 349 -24.59 -7.17 -11.47
C ALA B 349 -25.39 -8.10 -12.37
N GLY B 350 -25.74 -9.27 -11.83
CA GLY B 350 -26.49 -10.29 -12.57
C GLY B 350 -25.71 -10.88 -13.72
N LEU B 351 -24.39 -10.84 -13.65
CA LEU B 351 -23.56 -11.37 -14.72
C LEU B 351 -23.25 -12.85 -14.49
N ILE B 352 -23.26 -13.26 -13.22
CA ILE B 352 -23.22 -14.67 -12.86
C ILE B 352 -24.32 -14.95 -11.85
O5' ADN C . -1.20 3.64 15.62
C5' ADN C . -1.17 2.84 14.44
C4' ADN C . 0.27 2.48 14.14
O4' ADN C . 0.75 1.66 15.21
C3' ADN C . 0.46 1.63 12.89
O3' ADN C . 0.89 2.45 11.80
C2' ADN C . 1.54 0.63 13.30
O2' ADN C . 2.72 0.63 12.51
C1' ADN C . 1.94 1.07 14.70
N9 ADN C . 2.41 0.02 15.61
C8 ADN C . 2.02 -1.28 15.67
N7 ADN C . 2.70 -1.92 16.63
C5 ADN C . 3.55 -1.02 17.21
C6 ADN C . 4.56 -1.05 18.28
N6 ADN C . 4.81 -2.17 19.01
N1 ADN C . 5.22 0.12 18.50
C2 ADN C . 4.99 1.26 17.82
N3 ADN C . 4.07 1.35 16.85
C4 ADN C . 3.35 0.25 16.51
O5' CTN D . -9.31 8.07 18.32
C5' CTN D . -8.61 9.32 18.36
C4' CTN D . -9.39 10.38 17.60
O4' CTN D . -9.79 9.88 16.32
C1' CTN D . -11.10 10.35 15.97
N1 CTN D . -12.03 9.21 15.81
C6 CTN D . -11.65 7.98 16.19
C5 CTN D . -12.51 6.89 16.04
C4 CTN D . -13.76 7.11 15.47
N3 CTN D . -14.13 8.34 15.08
C2 CTN D . -13.30 9.41 15.23
O2 CTN D . -13.67 10.55 14.85
N4 CTN D . -14.63 6.07 15.30
C2' CTN D . -11.49 11.30 17.09
O2' CTN D . -11.08 12.62 16.73
C3' CTN D . -10.67 10.83 18.28
O3' CTN D . -10.47 11.89 19.24
S DMS E . 5.91 -11.65 8.24
O DMS E . 6.84 -11.02 9.18
C1 DMS E . 5.52 -10.59 6.96
C2 DMS E . 6.78 -12.82 7.37
S DMS F . 11.00 -11.96 10.02
O DMS F . 10.92 -12.30 8.58
C1 DMS F . 9.62 -12.62 10.78
C2 DMS F . 12.26 -12.90 10.70
K K G . -6.15 4.83 8.34
O5' ADN H . -1.31 -2.53 -15.76
C5' ADN H . -0.89 -1.98 -14.50
C4' ADN H . 0.30 -2.78 -13.97
O4' ADN H . 1.38 -2.71 -14.91
C3' ADN H . 0.92 -2.27 -12.68
O3' ADN H . 0.41 -3.01 -11.58
C2' ADN H . 2.42 -2.50 -12.86
O2' ADN H . 3.05 -3.32 -11.89
C1' ADN H . 2.51 -3.20 -14.20
N9 ADN H . 3.75 -2.92 -14.96
C8 ADN H . 4.48 -1.79 -15.01
N7 ADN H . 5.56 -1.96 -15.83
C5 ADN H . 5.48 -3.21 -16.31
C6 ADN H . 6.29 -4.06 -17.21
N6 ADN H . 7.40 -3.53 -17.78
N1 ADN H . 5.87 -5.33 -17.42
C2 ADN H . 4.74 -5.84 -16.87
N3 ADN H . 3.96 -5.13 -16.01
C4 ADN H . 4.30 -3.85 -15.72
O5' CTN I . -9.36 0.62 -19.88
C5' CTN I . -9.76 -0.75 -19.82
C4' CTN I . -11.18 -0.83 -19.27
O4' CTN I . -11.26 -0.15 -18.02
C1' CTN I . -12.51 0.56 -17.91
N1 CTN I . -12.26 2.00 -17.77
C6 CTN I . -11.04 2.54 -18.02
C5 CTN I . -10.83 3.91 -17.89
C4 CTN I . -11.90 4.72 -17.51
N3 CTN I . -13.11 4.17 -17.26
C2 CTN I . -13.33 2.83 -17.39
O2 CTN I . -14.45 2.34 -17.15
N4 CTN I . -11.71 6.05 -17.37
C2' CTN I . -13.28 0.25 -19.18
O2' CTN I . -14.20 -0.82 -18.93
C3' CTN I . -12.23 -0.20 -20.18
O3' CTN I . -12.75 -1.14 -21.13
S DMS J . 13.82 2.44 -6.34
O DMS J . 14.02 1.26 -7.19
C1 DMS J . 12.47 2.23 -5.33
C2 DMS J . 15.07 2.45 -5.18
S DMS K . 17.47 -1.25 -7.13
O DMS K . 18.90 -1.48 -7.39
C1 DMS K . 17.37 -0.55 -5.58
C2 DMS K . 16.93 0.04 -8.11
K K L . -6.33 0.98 -9.25
#